data_5XI0
#
_entry.id   5XI0
#
_cell.length_a   62.998
_cell.length_b   109.175
_cell.length_c   119.831
_cell.angle_alpha   90.000
_cell.angle_beta   90.000
_cell.angle_gamma   90.000
#
_symmetry.space_group_name_H-M   'P 2 21 21'
#
loop_
_entity.id
_entity.type
_entity.pdbx_description
1 polymer 'Enoyl-[acyl-carrier-protein] reductase [NADH]'
2 water water
#
_entity_poly.entity_id   1
_entity_poly.type   'polypeptide(L)'
_entity_poly.pdbx_seq_one_letter_code
;MIIKPRIRGFICTTTHPVGCEQNVKEQIALTKAQGPIANAPKRVLVVGSSSGYGLSSRITAAFGGGASTIGVFFEKAGTE
KKPGTAGWYNSAAFDKFAKEEGLYSKSLNGDAFSNEAKQKTIDLIKEDLGQIDMVVYSLASPVRKMPETGEVIRSSLKPI
GETYTATAVDTNKDAIIEASVEPATEQEIKDTVTVMGGEDWELWINALSEAGVLADGCKTVAYSYIGTELTWPIYWDGAL
GQAKMDLDRAATALNEKLSATGGTANVAVLKSVVTQASSAIPVMPLYIAMVFKKMREEGVHEGCQEQILRMFSQRLYKAD
GSAAEVDEKNRLRLDDWELREDIQQHCRDLWPQVTTENLKDLTDYVEYKEEFLKLFGFGVDGVDYDADVNPEVNFDVADI
;
_entity_poly.pdbx_strand_id   A,B
#
# COMPACT_ATOMS: atom_id res chain seq x y z
N MET A 1 -9.92 -3.24 -23.85
CA MET A 1 -10.04 -4.33 -22.88
C MET A 1 -11.35 -4.25 -22.11
N ILE A 2 -11.54 -5.13 -21.13
CA ILE A 2 -12.70 -5.13 -20.24
C ILE A 2 -12.22 -4.81 -18.82
N ILE A 3 -12.83 -3.80 -18.21
CA ILE A 3 -12.32 -3.18 -16.99
C ILE A 3 -13.18 -3.62 -15.81
N LYS A 4 -12.55 -4.31 -14.87
CA LYS A 4 -13.15 -4.75 -13.63
C LYS A 4 -13.02 -3.65 -12.59
N PRO A 5 -13.54 -3.80 -11.40
CA PRO A 5 -12.97 -3.09 -10.26
C PRO A 5 -12.11 -4.00 -9.39
N ARG A 6 -10.83 -3.66 -9.20
CA ARG A 6 -9.96 -4.34 -8.23
C ARG A 6 -9.93 -3.46 -6.99
N ILE A 7 -10.78 -3.77 -6.02
CA ILE A 7 -10.96 -2.91 -4.85
C ILE A 7 -11.10 -3.78 -3.60
N ARG A 8 -10.20 -3.56 -2.65
CA ARG A 8 -10.31 -4.07 -1.29
C ARG A 8 -10.11 -2.87 -0.39
N GLY A 9 -10.98 -2.73 0.59
CA GLY A 9 -10.94 -1.53 1.40
C GLY A 9 -11.28 -0.29 0.59
N PHE A 10 -10.44 0.73 0.70
CA PHE A 10 -10.64 1.96 -0.03
C PHE A 10 -9.40 2.26 -0.88
N ILE A 11 -8.77 1.20 -1.38
CA ILE A 11 -7.79 1.28 -2.46
C ILE A 11 -8.39 0.59 -3.68
N CYS A 12 -8.51 1.33 -4.77
CA CYS A 12 -9.07 0.81 -6.01
C CYS A 12 -8.03 1.05 -7.09
N THR A 13 -7.40 -0.02 -7.57
CA THR A 13 -6.29 0.09 -8.48
C THR A 13 -6.74 0.16 -9.94
N THR A 14 -8.02 0.39 -10.17
CA THR A 14 -8.58 0.34 -11.51
C THR A 14 -9.47 1.55 -11.72
N THR A 15 -9.50 2.05 -12.96
CA THR A 15 -10.42 3.11 -13.33
C THR A 15 -11.21 2.71 -14.57
N HIS A 16 -12.44 3.22 -14.70
CA HIS A 16 -13.26 2.99 -15.89
C HIS A 16 -13.34 4.26 -16.73
N PRO A 17 -12.76 4.26 -17.93
CA PRO A 17 -12.71 5.51 -18.71
C PRO A 17 -14.07 6.13 -19.00
N VAL A 18 -15.07 5.34 -19.37
CA VAL A 18 -16.34 5.96 -19.75
C VAL A 18 -17.12 6.41 -18.53
N GLY A 19 -17.11 5.60 -17.46
CA GLY A 19 -17.71 6.03 -16.22
C GLY A 19 -17.19 7.39 -15.77
N CYS A 20 -15.87 7.60 -15.86
CA CYS A 20 -15.30 8.89 -15.53
C CYS A 20 -15.87 9.99 -16.45
N GLU A 21 -15.89 9.74 -17.76
CA GLU A 21 -16.45 10.75 -18.67
C GLU A 21 -17.91 11.02 -18.34
N GLN A 22 -18.64 9.97 -18.00
CA GLN A 22 -20.04 10.14 -17.61
C GLN A 22 -20.17 10.97 -16.34
N ASN A 23 -19.19 10.87 -15.42
CA ASN A 23 -19.23 11.69 -14.21
C ASN A 23 -19.00 13.17 -14.53
N VAL A 24 -18.09 13.47 -15.44
CA VAL A 24 -17.94 14.87 -15.85
C VAL A 24 -19.20 15.36 -16.54
N LYS A 25 -19.82 14.50 -17.35
CA LYS A 25 -21.06 14.87 -18.03
C LYS A 25 -22.15 15.25 -17.03
N GLU A 26 -22.29 14.48 -15.94
CA GLU A 26 -23.35 14.78 -14.98
C GLU A 26 -23.08 16.10 -14.26
N GLN A 27 -21.82 16.33 -13.89
CA GLN A 27 -21.45 17.56 -13.20
C GLN A 27 -21.61 18.77 -14.12
N ILE A 28 -21.31 18.60 -15.42
CA ILE A 28 -21.52 19.67 -16.38
C ILE A 28 -23.01 19.98 -16.51
N ALA A 29 -23.83 18.92 -16.65
CA ALA A 29 -25.26 19.11 -16.77
C ALA A 29 -25.84 19.80 -15.55
N LEU A 30 -25.35 19.44 -14.37
CA LEU A 30 -25.80 20.08 -13.15
C LEU A 30 -25.49 21.57 -13.15
N THR A 31 -24.28 21.94 -13.58
CA THR A 31 -23.94 23.36 -13.55
C THR A 31 -24.76 24.15 -14.57
N LYS A 32 -24.91 23.60 -15.78
CA LYS A 32 -25.70 24.31 -16.81
C LYS A 32 -27.14 24.50 -16.37
N ALA A 33 -27.70 23.53 -15.65
CA ALA A 33 -29.06 23.67 -15.17
C ALA A 33 -29.22 24.83 -14.21
N GLN A 34 -28.16 25.30 -13.55
CA GLN A 34 -28.29 26.46 -12.67
C GLN A 34 -28.27 27.78 -13.42
N GLY A 35 -27.82 27.78 -14.67
CA GLY A 35 -27.86 28.96 -15.49
C GLY A 35 -26.59 29.76 -15.37
N PRO A 36 -26.35 30.62 -16.36
CA PRO A 36 -25.07 31.36 -16.41
C PRO A 36 -24.87 32.23 -15.18
N ILE A 37 -23.61 32.34 -14.77
CA ILE A 37 -23.24 33.21 -13.66
C ILE A 37 -22.87 34.53 -14.30
N ALA A 38 -23.76 35.52 -14.14
CA ALA A 38 -23.64 36.76 -14.90
C ALA A 38 -22.29 37.42 -14.69
N ASN A 39 -21.81 37.45 -13.45
CA ASN A 39 -20.62 38.23 -13.10
C ASN A 39 -19.35 37.37 -12.98
N ALA A 40 -19.32 36.19 -13.65
CA ALA A 40 -18.26 35.23 -13.43
C ALA A 40 -16.99 35.61 -14.21
N PRO A 41 -15.82 35.22 -13.70
CA PRO A 41 -14.56 35.52 -14.39
C PRO A 41 -14.46 34.83 -15.74
N LYS A 42 -13.61 35.37 -16.61
CA LYS A 42 -13.56 34.92 -17.99
C LYS A 42 -12.29 34.15 -18.35
N ARG A 43 -11.19 34.30 -17.58
CA ARG A 43 -9.90 33.67 -17.89
C ARG A 43 -9.38 33.05 -16.59
N VAL A 44 -9.63 31.76 -16.38
CA VAL A 44 -9.51 31.11 -15.08
C VAL A 44 -8.41 30.05 -15.11
N LEU A 45 -7.51 30.13 -14.14
CA LEU A 45 -6.51 29.09 -13.92
C LEU A 45 -6.91 28.23 -12.71
N VAL A 46 -6.84 26.91 -12.87
CA VAL A 46 -7.10 25.97 -11.78
C VAL A 46 -5.85 25.12 -11.57
N VAL A 47 -5.15 25.37 -10.46
CA VAL A 47 -3.98 24.58 -10.08
C VAL A 47 -4.50 23.40 -9.27
N GLY A 48 -4.59 22.24 -9.92
CA GLY A 48 -5.09 21.04 -9.29
C GLY A 48 -6.50 20.77 -9.76
N SER A 49 -6.65 20.50 -11.06
CA SER A 49 -7.94 20.65 -11.72
C SER A 49 -8.60 19.32 -12.12
N SER A 50 -8.09 18.16 -11.68
CA SER A 50 -8.47 16.89 -12.30
C SER A 50 -9.49 16.07 -11.52
N SER A 51 -9.75 16.38 -10.26
CA SER A 51 -10.75 15.64 -9.48
C SER A 51 -11.26 16.53 -8.36
N GLY A 52 -12.33 16.05 -7.73
CA GLY A 52 -12.87 16.67 -6.54
C GLY A 52 -13.18 18.13 -6.76
N TYR A 53 -12.82 18.95 -5.77
CA TYR A 53 -13.14 20.38 -5.86
C TYR A 53 -12.44 21.04 -7.05
N GLY A 54 -11.22 20.61 -7.38
CA GLY A 54 -10.51 21.23 -8.48
C GLY A 54 -11.20 21.03 -9.81
N LEU A 55 -11.61 19.79 -10.10
CA LEU A 55 -12.38 19.52 -11.30
C LEU A 55 -13.72 20.29 -11.30
N SER A 56 -14.45 20.28 -10.19
CA SER A 56 -15.71 21.02 -10.15
C SER A 56 -15.46 22.53 -10.28
N SER A 57 -14.32 23.00 -9.75
CA SER A 57 -13.92 24.39 -9.95
C SER A 57 -13.75 24.71 -11.43
N ARG A 58 -13.05 23.85 -12.17
CA ARG A 58 -12.88 24.06 -13.60
C ARG A 58 -14.22 23.97 -14.32
N ILE A 59 -15.11 23.08 -13.86
CA ILE A 59 -16.39 22.91 -14.53
C ILE A 59 -17.31 24.11 -14.28
N THR A 60 -17.40 24.56 -13.02
CA THR A 60 -18.19 25.75 -12.72
C THR A 60 -17.72 26.91 -13.60
N ALA A 61 -16.42 27.20 -13.57
CA ALA A 61 -15.90 28.38 -14.26
C ALA A 61 -16.21 28.34 -15.74
N ALA A 62 -16.00 27.18 -16.38
CA ALA A 62 -16.17 27.07 -17.82
C ALA A 62 -17.65 26.98 -18.19
N PHE A 63 -18.36 26.02 -17.61
CA PHE A 63 -19.73 25.75 -18.02
C PHE A 63 -20.77 26.56 -17.24
N GLY A 64 -20.39 27.23 -16.14
CA GLY A 64 -21.31 28.16 -15.50
C GLY A 64 -20.99 29.61 -15.78
N GLY A 65 -19.71 29.92 -15.95
CA GLY A 65 -19.30 31.29 -16.16
C GLY A 65 -18.86 31.59 -17.58
N GLY A 66 -18.70 30.56 -18.40
CA GLY A 66 -18.25 30.77 -19.76
C GLY A 66 -16.77 31.10 -19.87
N ALA A 67 -15.98 30.66 -18.91
CA ALA A 67 -14.58 31.06 -18.87
C ALA A 67 -13.73 30.18 -19.78
N SER A 68 -12.67 30.80 -20.31
CA SER A 68 -11.52 30.04 -20.76
C SER A 68 -10.83 29.45 -19.54
N THR A 69 -10.33 28.22 -19.67
CA THR A 69 -9.71 27.56 -18.54
C THR A 69 -8.38 26.91 -18.92
N ILE A 70 -7.39 27.13 -18.07
CA ILE A 70 -6.17 26.35 -18.03
C ILE A 70 -6.18 25.58 -16.72
N GLY A 71 -5.87 24.29 -16.78
CA GLY A 71 -5.81 23.46 -15.58
C GLY A 71 -4.48 22.75 -15.47
N VAL A 72 -3.99 22.64 -14.24
CA VAL A 72 -2.74 21.93 -13.94
C VAL A 72 -3.07 20.71 -13.06
N PHE A 73 -2.40 19.61 -13.33
CA PHE A 73 -2.62 18.37 -12.58
C PHE A 73 -1.44 17.43 -12.81
N PHE A 74 -1.46 16.31 -12.09
CA PHE A 74 -0.45 15.27 -12.24
C PHE A 74 -1.20 13.95 -12.33
N GLU A 75 -1.52 13.53 -13.54
CA GLU A 75 -2.24 12.29 -13.75
C GLU A 75 -1.40 11.40 -14.65
N LYS A 76 -1.83 10.15 -14.78
CA LYS A 76 -1.14 9.12 -15.57
C LYS A 76 -2.05 8.73 -16.73
N ALA A 77 -1.63 9.04 -17.95
CA ALA A 77 -2.39 8.60 -19.12
C ALA A 77 -2.52 7.08 -19.10
N GLY A 78 -3.53 6.59 -19.82
CA GLY A 78 -3.72 5.16 -19.98
C GLY A 78 -3.06 4.66 -21.25
N THR A 79 -2.47 3.46 -21.18
CA THR A 79 -1.95 2.81 -22.36
C THR A 79 -3.00 1.84 -22.90
N GLU A 80 -2.65 1.11 -23.96
CA GLU A 80 -3.58 0.10 -24.48
C GLU A 80 -3.83 -1.00 -23.47
N LYS A 81 -2.82 -1.32 -22.63
CA LYS A 81 -2.90 -2.45 -21.72
C LYS A 81 -3.17 -2.06 -20.27
N LYS A 82 -3.21 -0.76 -19.94
CA LYS A 82 -3.40 -0.33 -18.56
C LYS A 82 -4.19 0.98 -18.50
N PRO A 83 -5.39 0.98 -17.93
CA PRO A 83 -6.12 2.23 -17.73
C PRO A 83 -5.34 3.21 -16.87
N GLY A 84 -5.51 4.49 -17.17
CA GLY A 84 -4.84 5.54 -16.43
C GLY A 84 -5.58 5.86 -15.15
N THR A 85 -5.22 7.01 -14.57
CA THR A 85 -5.87 7.48 -13.36
C THR A 85 -7.18 8.21 -13.69
N ALA A 86 -8.14 8.11 -12.76
CA ALA A 86 -9.41 8.81 -12.89
C ALA A 86 -9.23 10.26 -13.31
N GLY A 87 -8.26 10.96 -12.71
CA GLY A 87 -8.01 12.34 -13.07
C GLY A 87 -7.64 12.57 -14.51
N TRP A 88 -6.97 11.59 -15.13
CA TRP A 88 -6.67 11.69 -16.56
C TRP A 88 -7.95 11.73 -17.39
N TYR A 89 -8.84 10.75 -17.18
CA TYR A 89 -10.08 10.72 -17.95
C TYR A 89 -11.01 11.85 -17.58
N ASN A 90 -11.04 12.23 -16.28
CA ASN A 90 -11.78 13.42 -15.86
C ASN A 90 -11.36 14.63 -16.68
N SER A 91 -10.06 14.91 -16.72
CA SER A 91 -9.56 16.02 -17.52
C SER A 91 -9.87 15.84 -19.00
N ALA A 92 -9.52 14.68 -19.57
CA ALA A 92 -9.80 14.42 -20.98
C ALA A 92 -11.27 14.67 -21.31
N ALA A 93 -12.17 14.23 -20.44
CA ALA A 93 -13.59 14.46 -20.69
C ALA A 93 -13.94 15.94 -20.59
N PHE A 94 -13.30 16.67 -19.67
CA PHE A 94 -13.53 18.10 -19.63
C PHE A 94 -13.16 18.74 -20.96
N ASP A 95 -11.96 18.42 -21.45
CA ASP A 95 -11.46 19.02 -22.68
C ASP A 95 -12.41 18.76 -23.83
N LYS A 96 -12.76 17.49 -24.06
CA LYS A 96 -13.74 17.12 -25.06
C LYS A 96 -14.93 18.08 -25.05
N PHE A 97 -15.62 18.17 -23.91
CA PHE A 97 -16.88 18.88 -23.86
C PHE A 97 -16.69 20.40 -23.95
N ALA A 98 -15.64 20.93 -23.32
CA ALA A 98 -15.38 22.36 -23.44
C ALA A 98 -15.11 22.74 -24.90
N LYS A 99 -14.26 21.97 -25.59
CA LYS A 99 -14.00 22.21 -27.01
C LYS A 99 -15.27 22.06 -27.84
N GLU A 100 -16.15 21.12 -27.48
CA GLU A 100 -17.43 20.98 -28.17
C GLU A 100 -18.28 22.22 -28.05
N GLU A 101 -17.99 23.10 -27.08
CA GLU A 101 -18.75 24.30 -26.78
C GLU A 101 -18.02 25.57 -27.18
N GLY A 102 -16.84 25.47 -27.77
CA GLY A 102 -16.09 26.66 -28.11
C GLY A 102 -15.42 27.36 -26.96
N LEU A 103 -15.20 26.67 -25.84
CA LEU A 103 -14.50 27.26 -24.70
C LEU A 103 -13.04 26.85 -24.75
N TYR A 104 -12.15 27.83 -24.54
CA TYR A 104 -10.72 27.56 -24.45
C TYR A 104 -10.43 26.60 -23.31
N SER A 105 -9.56 25.62 -23.59
CA SER A 105 -9.26 24.57 -22.64
C SER A 105 -7.86 24.08 -22.94
N LYS A 106 -6.89 24.41 -22.08
CA LYS A 106 -5.56 23.82 -22.17
C LYS A 106 -5.15 23.28 -20.82
N SER A 107 -4.36 22.21 -20.83
CA SER A 107 -3.97 21.51 -19.61
C SER A 107 -2.49 21.18 -19.61
N LEU A 108 -1.85 21.34 -18.45
CA LEU A 108 -0.46 21.02 -18.25
C LEU A 108 -0.36 19.91 -17.21
N ASN A 109 0.46 18.89 -17.49
CA ASN A 109 0.52 17.66 -16.70
C ASN A 109 1.91 17.47 -16.11
N GLY A 110 2.03 17.58 -14.79
CA GLY A 110 3.32 17.39 -14.13
C GLY A 110 3.28 17.82 -12.67
N ASP A 111 4.46 18.22 -12.19
CA ASP A 111 4.68 18.58 -10.78
C ASP A 111 4.31 20.04 -10.55
N ALA A 112 3.07 20.29 -10.09
CA ALA A 112 2.63 21.65 -9.83
C ALA A 112 3.44 22.37 -8.77
N PHE A 113 4.21 21.65 -7.95
CA PHE A 113 5.09 22.32 -6.99
C PHE A 113 6.42 22.77 -7.61
N SER A 114 6.76 22.34 -8.81
CA SER A 114 8.05 22.66 -9.39
C SER A 114 8.05 24.07 -10.00
N ASN A 115 9.23 24.70 -9.99
CA ASN A 115 9.38 25.99 -10.67
C ASN A 115 8.99 25.92 -12.14
N GLU A 116 9.23 24.78 -12.80
CA GLU A 116 8.85 24.63 -14.20
C GLU A 116 7.35 24.69 -14.40
N ALA A 117 6.57 24.33 -13.38
CA ALA A 117 5.12 24.38 -13.52
C ALA A 117 4.66 25.81 -13.66
N LYS A 118 5.27 26.71 -12.92
CA LYS A 118 4.91 28.12 -13.01
C LYS A 118 5.35 28.72 -14.35
N GLN A 119 6.47 28.26 -14.90
CA GLN A 119 6.96 28.82 -16.16
C GLN A 119 6.12 28.38 -17.34
N LYS A 120 5.82 27.08 -17.45
CA LYS A 120 4.95 26.62 -18.54
C LYS A 120 3.56 27.23 -18.46
N THR A 121 3.12 27.61 -17.26
CA THR A 121 1.81 28.25 -17.15
C THR A 121 1.89 29.70 -17.59
N ILE A 122 2.91 30.42 -17.14
CA ILE A 122 3.15 31.79 -17.59
C ILE A 122 3.23 31.85 -19.11
N ASP A 123 4.00 30.93 -19.70
CA ASP A 123 4.13 30.88 -21.16
C ASP A 123 2.79 30.64 -21.82
N LEU A 124 2.06 29.62 -21.36
CA LEU A 124 0.81 29.23 -22.03
C LEU A 124 -0.24 30.33 -21.93
N ILE A 125 -0.28 31.06 -20.80
CA ILE A 125 -1.19 32.19 -20.68
C ILE A 125 -0.86 33.25 -21.73
N LYS A 126 0.44 33.44 -22.00
CA LYS A 126 0.89 34.47 -22.92
C LYS A 126 0.59 34.17 -24.38
N GLU A 127 0.24 32.93 -24.73
CA GLU A 127 -0.05 32.60 -26.12
C GLU A 127 -1.49 32.89 -26.52
N ASP A 128 -2.39 33.18 -25.59
CA ASP A 128 -3.77 33.37 -25.98
C ASP A 128 -4.52 34.27 -25.00
N LEU A 129 -4.67 33.78 -23.76
CA LEU A 129 -5.44 34.49 -22.74
C LEU A 129 -4.75 35.78 -22.30
N GLY A 130 -3.42 35.83 -22.36
CA GLY A 130 -2.69 37.04 -22.01
C GLY A 130 -2.60 37.40 -20.54
N GLN A 131 -3.72 37.31 -19.83
CA GLN A 131 -3.79 37.51 -18.40
C GLN A 131 -4.89 36.63 -17.85
N ILE A 132 -4.85 36.40 -16.53
CA ILE A 132 -5.82 35.57 -15.81
C ILE A 132 -6.53 36.44 -14.77
N ASP A 133 -7.84 36.26 -14.63
CA ASP A 133 -8.57 37.03 -13.63
C ASP A 133 -9.03 36.22 -12.43
N MET A 134 -8.77 34.91 -12.39
CA MET A 134 -8.99 34.10 -11.18
C MET A 134 -8.05 32.89 -11.15
N VAL A 135 -7.40 32.70 -9.99
CA VAL A 135 -6.56 31.52 -9.73
C VAL A 135 -7.24 30.69 -8.64
N VAL A 136 -7.70 29.49 -9.00
CA VAL A 136 -8.17 28.51 -8.01
C VAL A 136 -6.98 27.62 -7.61
N TYR A 137 -6.62 27.65 -6.33
CA TYR A 137 -5.56 26.78 -5.79
C TYR A 137 -6.26 25.64 -5.09
N SER A 138 -6.26 24.47 -5.73
CA SER A 138 -7.02 23.31 -5.28
C SER A 138 -6.18 22.05 -5.31
N LEU A 139 -4.85 22.20 -5.28
CA LEU A 139 -3.96 21.06 -5.12
C LEU A 139 -4.36 20.30 -3.87
N ALA A 140 -4.36 18.98 -3.98
CA ALA A 140 -4.57 18.09 -2.84
C ALA A 140 -3.54 16.96 -2.95
N SER A 141 -2.28 17.31 -2.79
CA SER A 141 -1.26 16.26 -2.74
C SER A 141 -0.75 16.08 -1.33
N PRO A 142 -0.62 14.85 -0.85
CA PRO A 142 -0.01 14.64 0.47
C PRO A 142 1.49 14.79 0.45
N VAL A 143 2.07 15.18 -0.69
CA VAL A 143 3.51 15.14 -0.89
C VAL A 143 3.94 16.38 -1.68
N ARG A 144 5.09 16.95 -1.32
CA ARG A 144 5.63 18.11 -2.01
C ARG A 144 7.11 17.90 -2.22
N LYS A 145 7.54 17.88 -3.48
CA LYS A 145 8.95 17.94 -3.82
C LYS A 145 9.38 19.40 -3.82
N MET A 146 10.28 19.76 -2.91
CA MET A 146 10.67 21.15 -2.75
C MET A 146 11.29 21.67 -4.04
N PRO A 147 10.90 22.85 -4.51
CA PRO A 147 11.28 23.26 -5.87
C PRO A 147 12.78 23.56 -6.01
N GLU A 148 13.47 23.97 -4.95
CA GLU A 148 14.89 24.29 -5.05
C GLU A 148 15.80 23.09 -4.82
N THR A 149 15.41 22.14 -3.97
CA THR A 149 16.30 21.13 -3.46
C THR A 149 15.98 19.72 -3.88
N GLY A 150 14.81 19.47 -4.47
CA GLY A 150 14.40 18.13 -4.82
C GLY A 150 13.98 17.25 -3.66
N GLU A 151 14.18 17.68 -2.41
CA GLU A 151 13.76 16.88 -1.27
C GLU A 151 12.25 16.63 -1.36
N VAL A 152 11.82 15.44 -0.93
CA VAL A 152 10.42 15.04 -1.02
C VAL A 152 9.85 15.05 0.40
N ILE A 153 8.84 15.88 0.62
CA ILE A 153 8.23 16.06 1.93
C ILE A 153 6.83 15.48 1.86
N ARG A 154 6.42 14.75 2.89
CA ARG A 154 5.02 14.32 2.95
C ARG A 154 4.36 14.80 4.23
N SER A 155 3.07 15.05 4.14
CA SER A 155 2.32 15.55 5.29
C SER A 155 1.87 14.37 6.14
N SER A 156 1.40 14.67 7.35
CA SER A 156 0.95 13.58 8.19
C SER A 156 -0.38 13.97 8.85
N LEU A 157 -1.34 13.05 8.79
CA LEU A 157 -2.66 13.20 9.37
C LEU A 157 -2.68 12.78 10.82
N LYS A 158 -1.86 13.42 11.64
CA LYS A 158 -1.76 13.00 13.02
C LYS A 158 -2.20 14.11 13.97
N PRO A 159 -2.69 13.75 15.15
CA PRO A 159 -2.94 14.76 16.19
C PRO A 159 -1.61 15.32 16.69
N ILE A 160 -1.71 16.34 17.53
CA ILE A 160 -0.56 16.95 18.16
C ILE A 160 -0.72 16.86 19.67
N GLY A 161 0.33 16.41 20.35
CA GLY A 161 0.27 16.27 21.79
C GLY A 161 -0.13 14.87 22.24
N GLU A 162 -1.36 14.48 21.97
CA GLU A 162 -1.88 13.23 22.50
C GLU A 162 -2.43 12.35 21.40
N THR A 163 -2.77 11.12 21.76
CA THR A 163 -3.30 10.17 20.81
C THR A 163 -4.75 10.49 20.47
N TYR A 164 -5.12 10.20 19.23
CA TYR A 164 -6.47 10.43 18.74
C TYR A 164 -7.15 9.08 18.59
N THR A 165 -8.16 8.83 19.42
CA THR A 165 -8.97 7.62 19.36
C THR A 165 -10.40 8.01 19.05
N ALA A 166 -10.99 7.36 18.05
CA ALA A 166 -12.35 7.66 17.63
C ALA A 166 -13.01 6.39 17.12
N THR A 167 -14.34 6.41 17.06
CA THR A 167 -15.09 5.35 16.42
C THR A 167 -14.86 5.39 14.91
N ALA A 168 -14.90 4.22 14.27
CA ALA A 168 -14.65 4.11 12.84
C ALA A 168 -15.29 2.84 12.31
N VAL A 169 -15.34 2.73 10.98
CA VAL A 169 -15.86 1.53 10.32
C VAL A 169 -14.69 0.78 9.72
N ASP A 170 -14.51 -0.50 10.12
CA ASP A 170 -13.45 -1.33 9.56
C ASP A 170 -13.75 -1.62 8.09
N THR A 171 -12.67 -1.72 7.33
CA THR A 171 -12.78 -1.87 5.90
C THR A 171 -13.37 -3.22 5.56
N ASN A 172 -14.17 -3.26 4.50
CA ASN A 172 -14.60 -4.51 3.88
C ASN A 172 -15.13 -5.58 4.84
N LYS A 173 -15.24 -5.26 6.14
CA LYS A 173 -16.12 -6.00 7.04
C LYS A 173 -17.32 -5.17 7.46
N ASP A 174 -17.28 -3.85 7.23
CA ASP A 174 -18.32 -2.93 7.68
C ASP A 174 -18.62 -3.11 9.15
N ALA A 175 -17.57 -3.38 9.92
CA ALA A 175 -17.68 -3.59 11.35
C ALA A 175 -17.25 -2.31 12.07
N ILE A 176 -18.08 -1.85 13.01
CA ILE A 176 -17.69 -0.74 13.87
C ILE A 176 -16.47 -1.15 14.68
N ILE A 177 -15.43 -0.29 14.66
CA ILE A 177 -14.22 -0.50 15.43
C ILE A 177 -13.79 0.83 16.05
N GLU A 178 -12.77 0.76 16.90
CA GLU A 178 -12.11 1.90 17.53
C GLU A 178 -10.74 2.06 16.90
N ALA A 179 -10.50 3.21 16.24
CA ALA A 179 -9.22 3.49 15.61
C ALA A 179 -8.40 4.48 16.43
N SER A 180 -7.07 4.31 16.39
CA SER A 180 -6.13 5.19 17.09
C SER A 180 -5.11 5.77 16.12
N VAL A 181 -4.67 7.00 16.40
CA VAL A 181 -3.62 7.66 15.63
C VAL A 181 -2.65 8.34 16.58
N GLU A 182 -1.36 8.09 16.40
CA GLU A 182 -0.32 8.57 17.29
C GLU A 182 -0.02 10.05 17.05
N PRO A 183 0.50 10.75 18.06
CA PRO A 183 0.84 12.16 17.86
C PRO A 183 1.95 12.35 16.85
N ALA A 184 1.89 13.50 16.16
CA ALA A 184 2.91 13.88 15.20
C ALA A 184 4.21 14.26 15.91
N THR A 185 5.32 14.02 15.25
CA THR A 185 6.58 14.49 15.80
C THR A 185 6.77 15.96 15.47
N GLU A 186 7.83 16.54 16.05
CA GLU A 186 8.13 17.93 15.75
C GLU A 186 8.43 18.10 14.26
N GLN A 187 9.07 17.11 13.63
CA GLN A 187 9.36 17.23 12.21
C GLN A 187 8.18 16.89 11.34
N GLU A 188 7.28 16.00 11.80
CA GLU A 188 6.11 15.72 10.97
C GLU A 188 5.18 16.93 10.89
N ILE A 189 5.16 17.77 11.93
CA ILE A 189 4.31 18.96 11.93
C ILE A 189 4.86 20.00 10.96
N LYS A 190 6.16 20.31 11.07
CA LYS A 190 6.78 21.20 10.09
C LYS A 190 6.48 20.74 8.68
N ASP A 191 6.70 19.45 8.42
CA ASP A 191 6.53 18.90 7.09
C ASP A 191 5.10 19.06 6.61
N THR A 192 4.12 19.00 7.53
CA THR A 192 2.73 19.15 7.11
C THR A 192 2.43 20.59 6.70
N VAL A 193 2.90 21.57 7.48
CA VAL A 193 2.83 22.97 7.07
C VAL A 193 3.52 23.16 5.71
N THR A 194 4.67 22.50 5.51
CA THR A 194 5.39 22.63 4.24
C THR A 194 4.57 22.11 3.07
N VAL A 195 3.85 20.99 3.26
CA VAL A 195 3.10 20.41 2.14
C VAL A 195 1.73 21.07 1.99
N MET A 196 1.01 21.25 3.10
CA MET A 196 -0.41 21.60 3.09
C MET A 196 -0.69 23.07 3.45
N GLY A 197 0.32 23.87 3.76
CA GLY A 197 0.14 25.28 3.98
C GLY A 197 0.06 26.05 2.67
N GLY A 198 0.28 27.36 2.78
CA GLY A 198 0.12 28.27 1.66
C GLY A 198 1.37 28.68 0.93
N GLU A 199 2.54 28.08 1.25
CA GLU A 199 3.80 28.45 0.59
C GLU A 199 3.71 28.30 -0.92
N ASP A 200 3.28 27.13 -1.40
CA ASP A 200 3.28 26.92 -2.84
C ASP A 200 2.19 27.73 -3.51
N TRP A 201 1.10 28.02 -2.79
CA TRP A 201 0.08 28.95 -3.26
C TRP A 201 0.69 30.32 -3.50
N GLU A 202 1.48 30.82 -2.54
CA GLU A 202 2.15 32.11 -2.72
C GLU A 202 3.17 32.05 -3.84
N LEU A 203 3.85 30.92 -4.03
CA LEU A 203 4.77 30.81 -5.15
C LEU A 203 4.04 30.95 -6.48
N TRP A 204 2.87 30.32 -6.63
CA TRP A 204 2.09 30.50 -7.86
C TRP A 204 1.71 31.96 -8.09
N ILE A 205 1.09 32.58 -7.08
CA ILE A 205 0.62 33.96 -7.25
C ILE A 205 1.80 34.88 -7.52
N ASN A 206 2.83 34.82 -6.67
CA ASN A 206 3.95 35.75 -6.80
C ASN A 206 4.66 35.58 -8.14
N ALA A 207 4.84 34.34 -8.59
CA ALA A 207 5.51 34.17 -9.87
C ALA A 207 4.65 34.67 -11.02
N LEU A 208 3.31 34.58 -10.89
CA LEU A 208 2.44 35.00 -11.97
C LEU A 208 2.33 36.52 -12.05
N SER A 209 2.38 37.23 -10.92
CA SER A 209 2.50 38.69 -10.96
C SER A 209 3.77 39.12 -11.67
N GLU A 210 4.90 38.49 -11.29
CA GLU A 210 6.22 38.84 -11.84
C GLU A 210 6.36 38.50 -13.31
N ALA A 211 5.38 37.87 -13.93
CA ALA A 211 5.33 37.74 -15.37
C ALA A 211 4.30 38.66 -16.00
N GLY A 212 3.49 39.35 -15.20
CA GLY A 212 2.46 40.22 -15.69
C GLY A 212 1.16 39.55 -16.10
N VAL A 213 1.02 38.25 -15.86
CA VAL A 213 -0.11 37.49 -16.41
C VAL A 213 -1.29 37.45 -15.44
N LEU A 214 -1.19 38.19 -14.34
CA LEU A 214 -2.31 38.34 -13.42
C LEU A 214 -3.06 39.62 -13.78
N ALA A 215 -4.34 39.48 -14.14
CA ALA A 215 -5.13 40.63 -14.53
C ALA A 215 -5.48 41.49 -13.32
N ASP A 216 -5.47 42.81 -13.50
CA ASP A 216 -5.92 43.69 -12.44
C ASP A 216 -7.30 43.25 -11.96
N GLY A 217 -7.51 43.32 -10.65
CA GLY A 217 -8.70 42.75 -10.06
C GLY A 217 -8.72 41.24 -9.88
N CYS A 218 -7.67 40.51 -10.30
CA CYS A 218 -7.61 39.05 -10.12
C CYS A 218 -7.97 38.64 -8.69
N LYS A 219 -8.83 37.64 -8.56
CA LYS A 219 -9.12 37.00 -7.28
C LYS A 219 -8.50 35.61 -7.26
N THR A 220 -8.07 35.15 -6.08
CA THR A 220 -7.57 33.79 -5.93
C THR A 220 -8.19 33.16 -4.70
N VAL A 221 -8.44 31.87 -4.77
CA VAL A 221 -9.03 31.13 -3.65
C VAL A 221 -8.27 29.84 -3.47
N ALA A 222 -8.01 29.46 -2.20
CA ALA A 222 -7.52 28.13 -1.84
C ALA A 222 -8.54 27.41 -0.97
N TYR A 223 -8.55 26.09 -1.07
CA TYR A 223 -9.60 25.30 -0.45
C TYR A 223 -9.08 24.66 0.83
N SER A 224 -9.92 24.68 1.86
CA SER A 224 -9.54 24.15 3.15
C SER A 224 -10.74 23.39 3.73
N TYR A 225 -10.61 22.97 4.99
CA TYR A 225 -11.62 22.12 5.62
C TYR A 225 -11.46 22.21 7.13
N ILE A 226 -12.57 22.39 7.84
CA ILE A 226 -12.56 22.48 9.29
C ILE A 226 -13.21 21.28 9.94
N GLY A 227 -14.26 20.75 9.35
CA GLY A 227 -14.77 19.49 9.82
C GLY A 227 -15.54 19.58 11.12
N THR A 228 -15.98 18.42 11.59
CA THR A 228 -16.79 18.29 12.78
C THR A 228 -15.88 18.15 14.00
N GLU A 229 -16.46 18.30 15.18
CA GLU A 229 -15.65 18.08 16.38
C GLU A 229 -15.15 16.65 16.49
N LEU A 230 -15.70 15.72 15.73
CA LEU A 230 -15.18 14.36 15.76
C LEU A 230 -13.74 14.32 15.26
N THR A 231 -13.34 15.26 14.40
CA THR A 231 -11.98 15.27 13.85
C THR A 231 -11.19 16.52 14.25
N TRP A 232 -11.60 17.24 15.29
CA TRP A 232 -10.81 18.38 15.75
C TRP A 232 -9.35 18.02 16.01
N PRO A 233 -9.02 16.91 16.69
CA PRO A 233 -7.59 16.62 16.95
C PRO A 233 -6.73 16.41 15.70
N ILE A 234 -7.32 16.24 14.52
CA ILE A 234 -6.47 16.27 13.32
C ILE A 234 -6.61 17.60 12.56
N TYR A 235 -7.84 18.00 12.17
CA TYR A 235 -8.05 19.14 11.26
C TYR A 235 -8.00 20.50 11.94
N TRP A 236 -8.04 20.57 13.27
CA TRP A 236 -8.01 21.82 13.99
C TRP A 236 -6.81 21.95 14.91
N ASP A 237 -6.61 20.97 15.81
CA ASP A 237 -5.49 21.02 16.75
C ASP A 237 -4.30 20.16 16.32
N GLY A 238 -4.44 19.36 15.25
CA GLY A 238 -3.42 18.42 14.84
C GLY A 238 -2.46 18.98 13.81
N ALA A 239 -1.71 18.08 13.16
CA ALA A 239 -0.72 18.53 12.20
C ALA A 239 -1.37 19.34 11.08
N LEU A 240 -2.47 18.84 10.52
CA LEU A 240 -3.16 19.58 9.45
C LEU A 240 -3.74 20.91 9.93
N GLY A 241 -3.97 21.06 11.24
CA GLY A 241 -4.39 22.36 11.76
C GLY A 241 -3.31 23.42 11.63
N GLN A 242 -2.07 23.06 11.93
CA GLN A 242 -1.00 24.02 11.69
C GLN A 242 -0.86 24.36 10.22
N ALA A 243 -1.16 23.42 9.33
CA ALA A 243 -1.09 23.74 7.91
C ALA A 243 -2.14 24.78 7.53
N LYS A 244 -3.37 24.61 8.01
CA LYS A 244 -4.47 25.53 7.67
C LYS A 244 -4.24 26.90 8.27
N MET A 245 -3.68 26.96 9.48
CA MET A 245 -3.07 28.16 10.01
C MET A 245 -2.22 28.87 8.97
N ASP A 246 -1.31 28.12 8.34
CA ASP A 246 -0.38 28.73 7.40
C ASP A 246 -1.08 29.18 6.14
N LEU A 247 -2.15 28.48 5.76
CA LEU A 247 -2.93 28.90 4.60
C LEU A 247 -3.61 30.24 4.88
N ASP A 248 -4.08 30.44 6.12
CA ASP A 248 -4.65 31.72 6.51
C ASP A 248 -3.63 32.84 6.37
N ARG A 249 -2.42 32.63 6.89
CA ARG A 249 -1.37 33.62 6.77
C ARG A 249 -1.13 34.00 5.32
N ALA A 250 -0.98 32.99 4.44
CA ALA A 250 -0.77 33.23 3.03
C ALA A 250 -1.93 34.01 2.41
N ALA A 251 -3.17 33.67 2.79
CA ALA A 251 -4.31 34.37 2.21
C ALA A 251 -4.29 35.83 2.59
N THR A 252 -3.94 36.13 3.84
CA THR A 252 -3.77 37.52 4.24
C THR A 252 -2.70 38.22 3.41
N ALA A 253 -1.52 37.60 3.28
CA ALA A 253 -0.47 38.20 2.45
C ALA A 253 -0.94 38.36 1.01
N LEU A 254 -1.54 37.31 0.44
CA LEU A 254 -1.96 37.39 -0.95
C LEU A 254 -3.09 38.40 -1.13
N ASN A 255 -3.97 38.52 -0.13
CA ASN A 255 -5.08 39.45 -0.25
C ASN A 255 -4.57 40.89 -0.24
N GLU A 256 -3.53 41.19 0.53
CA GLU A 256 -2.95 42.53 0.53
C GLU A 256 -2.33 42.84 -0.83
N LYS A 257 -1.61 41.88 -1.40
CA LYS A 257 -0.94 42.10 -2.67
C LYS A 257 -1.95 42.41 -3.77
N LEU A 258 -2.88 41.49 -4.01
CA LEU A 258 -3.84 41.68 -5.09
C LEU A 258 -4.83 42.80 -4.80
N SER A 259 -4.93 43.25 -3.55
CA SER A 259 -5.81 44.35 -3.19
C SER A 259 -5.39 45.63 -3.86
N ALA A 260 -4.10 45.75 -4.19
CA ALA A 260 -3.57 46.93 -4.88
C ALA A 260 -4.45 47.33 -6.06
N THR A 261 -4.77 46.38 -6.93
CA THR A 261 -5.60 46.68 -8.08
C THR A 261 -7.02 46.14 -7.94
N GLY A 262 -7.48 45.93 -6.71
CA GLY A 262 -8.86 45.59 -6.47
C GLY A 262 -9.17 44.13 -6.27
N GLY A 263 -8.20 43.22 -6.43
CA GLY A 263 -8.45 41.80 -6.30
C GLY A 263 -8.45 41.32 -4.86
N THR A 264 -8.70 40.02 -4.68
CA THR A 264 -8.78 39.42 -3.35
C THR A 264 -8.08 38.05 -3.33
N ALA A 265 -7.85 37.57 -2.12
CA ALA A 265 -7.41 36.20 -1.85
C ALA A 265 -8.21 35.69 -0.66
N ASN A 266 -8.89 34.56 -0.83
CA ASN A 266 -9.59 33.96 0.30
C ASN A 266 -9.32 32.46 0.39
N VAL A 267 -9.30 31.97 1.62
CA VAL A 267 -9.47 30.56 1.88
C VAL A 267 -10.96 30.27 1.86
N ALA A 268 -11.35 29.21 1.18
CA ALA A 268 -12.73 28.74 1.18
C ALA A 268 -12.76 27.41 1.92
N VAL A 269 -13.51 27.36 3.01
CA VAL A 269 -13.66 26.17 3.83
C VAL A 269 -14.84 25.39 3.27
N LEU A 270 -14.58 24.21 2.74
CA LEU A 270 -15.60 23.43 2.06
C LEU A 270 -16.10 22.29 2.94
N LYS A 271 -17.20 21.68 2.52
CA LYS A 271 -17.89 20.67 3.31
C LYS A 271 -17.20 19.31 3.19
N SER A 272 -17.66 18.35 3.99
CA SER A 272 -17.19 16.99 3.87
C SER A 272 -17.69 16.38 2.57
N VAL A 273 -16.80 15.72 1.83
CA VAL A 273 -17.15 15.05 0.59
C VAL A 273 -16.41 13.72 0.52
N VAL A 274 -16.95 12.81 -0.28
CA VAL A 274 -16.26 11.55 -0.55
C VAL A 274 -15.21 11.82 -1.63
N THR A 275 -13.92 11.70 -1.28
CA THR A 275 -12.83 11.76 -2.26
C THR A 275 -11.93 10.54 -2.10
N GLN A 276 -10.97 10.42 -3.03
CA GLN A 276 -10.08 9.27 -3.04
C GLN A 276 -9.20 9.20 -1.79
N ALA A 277 -9.01 10.32 -1.11
CA ALA A 277 -8.24 10.34 0.11
C ALA A 277 -9.09 10.44 1.38
N SER A 278 -10.42 10.61 1.24
CA SER A 278 -11.27 10.91 2.38
C SER A 278 -11.28 9.78 3.38
N SER A 279 -11.11 8.55 2.91
CA SER A 279 -11.09 7.36 3.74
C SER A 279 -9.75 7.16 4.47
N ALA A 280 -8.84 8.14 4.37
CA ALA A 280 -7.57 8.07 5.09
C ALA A 280 -7.80 8.00 6.59
N ILE A 281 -8.36 9.07 7.16
CA ILE A 281 -8.74 9.12 8.58
C ILE A 281 -9.88 8.13 8.80
N PRO A 282 -9.78 7.25 9.80
CA PRO A 282 -10.73 6.13 9.87
C PRO A 282 -12.17 6.54 10.19
N VAL A 283 -12.35 7.64 10.93
CA VAL A 283 -13.70 8.04 11.32
C VAL A 283 -14.47 8.63 10.13
N MET A 284 -13.77 9.10 9.09
CA MET A 284 -14.43 9.92 8.08
C MET A 284 -15.51 9.17 7.31
N PRO A 285 -15.30 7.93 6.84
CA PRO A 285 -16.43 7.23 6.19
C PRO A 285 -17.62 7.05 7.11
N LEU A 286 -17.38 6.80 8.39
CA LEU A 286 -18.47 6.64 9.36
C LEU A 286 -19.26 7.94 9.51
N TYR A 287 -18.55 9.03 9.80
CA TYR A 287 -19.19 10.33 9.91
C TYR A 287 -19.88 10.75 8.61
N ILE A 288 -19.20 10.57 7.47
CA ILE A 288 -19.76 11.00 6.19
C ILE A 288 -21.04 10.22 5.87
N ALA A 289 -21.03 8.91 6.08
CA ALA A 289 -22.27 8.16 5.92
C ALA A 289 -23.38 8.74 6.80
N MET A 290 -23.06 9.07 8.05
CA MET A 290 -24.12 9.51 8.97
C MET A 290 -24.63 10.90 8.60
N VAL A 291 -23.73 11.85 8.38
CA VAL A 291 -24.19 13.21 8.14
C VAL A 291 -24.81 13.34 6.75
N PHE A 292 -24.34 12.56 5.77
CA PHE A 292 -24.98 12.58 4.45
C PHE A 292 -26.43 12.14 4.56
N LYS A 293 -26.71 11.17 5.44
CA LYS A 293 -28.09 10.70 5.60
C LYS A 293 -28.97 11.79 6.17
N LYS A 294 -28.49 12.49 7.21
CA LYS A 294 -29.27 13.58 7.78
C LYS A 294 -29.42 14.73 6.80
N MET A 295 -28.31 15.12 6.16
CA MET A 295 -28.36 16.26 5.25
C MET A 295 -29.25 15.98 4.05
N ARG A 296 -29.34 14.71 3.63
CA ARG A 296 -30.32 14.34 2.62
C ARG A 296 -31.74 14.53 3.14
N GLU A 297 -31.98 14.10 4.38
CA GLU A 297 -33.30 14.23 5.00
C GLU A 297 -33.71 15.69 5.13
N GLU A 298 -32.77 16.55 5.52
CA GLU A 298 -33.05 17.97 5.62
C GLU A 298 -32.95 18.69 4.27
N GLY A 299 -32.60 17.99 3.20
CA GLY A 299 -32.48 18.60 1.88
C GLY A 299 -31.36 19.61 1.71
N VAL A 300 -30.26 19.46 2.46
CA VAL A 300 -29.11 20.36 2.37
C VAL A 300 -27.86 19.62 1.90
N HIS A 301 -28.02 18.41 1.39
CA HIS A 301 -26.87 17.65 0.95
C HIS A 301 -26.30 18.24 -0.33
N GLU A 302 -24.97 18.28 -0.43
CA GLU A 302 -24.31 18.71 -1.66
C GLU A 302 -23.10 17.85 -1.97
N GLY A 303 -22.77 17.76 -3.26
CA GLY A 303 -21.50 17.24 -3.69
C GLY A 303 -20.50 18.35 -3.97
N CYS A 304 -19.39 17.96 -4.61
CA CYS A 304 -18.34 18.93 -4.95
C CYS A 304 -18.85 19.96 -5.95
N GLN A 305 -19.62 19.52 -6.95
CA GLN A 305 -20.13 20.45 -7.96
C GLN A 305 -20.99 21.54 -7.31
N GLU A 306 -21.96 21.13 -6.51
CA GLU A 306 -22.85 22.09 -5.88
C GLU A 306 -22.10 23.04 -4.97
N GLN A 307 -21.14 22.53 -4.21
CA GLN A 307 -20.33 23.38 -3.35
C GLN A 307 -19.69 24.51 -4.15
N ILE A 308 -19.01 24.17 -5.24
CA ILE A 308 -18.26 25.21 -5.94
C ILE A 308 -19.20 26.13 -6.70
N LEU A 309 -20.32 25.60 -7.18
CA LEU A 309 -21.34 26.46 -7.77
C LEU A 309 -21.82 27.50 -6.77
N ARG A 310 -22.09 27.08 -5.53
CA ARG A 310 -22.58 28.01 -4.52
C ARG A 310 -21.49 29.00 -4.13
N MET A 311 -20.24 28.56 -4.09
CA MET A 311 -19.16 29.49 -3.83
C MET A 311 -19.09 30.57 -4.91
N PHE A 312 -19.30 30.18 -6.17
CA PHE A 312 -19.26 31.12 -7.27
C PHE A 312 -20.44 32.06 -7.25
N SER A 313 -21.65 31.50 -7.19
CA SER A 313 -22.83 32.30 -7.43
C SER A 313 -23.41 32.89 -6.16
N GLN A 314 -23.01 32.39 -4.98
CA GLN A 314 -23.49 32.90 -3.71
C GLN A 314 -22.40 33.45 -2.81
N ARG A 315 -21.15 33.50 -3.28
CA ARG A 315 -20.09 34.15 -2.51
C ARG A 315 -19.34 35.16 -3.36
N LEU A 316 -18.59 34.67 -4.37
CA LEU A 316 -17.57 35.46 -5.04
C LEU A 316 -18.12 36.36 -6.14
N TYR A 317 -19.11 35.86 -6.89
CA TYR A 317 -19.62 36.53 -8.10
C TYR A 317 -21.15 36.56 -8.07
N LYS A 318 -21.70 37.21 -7.04
CA LYS A 318 -23.14 37.22 -6.83
C LYS A 318 -23.81 38.14 -7.85
N ALA A 319 -25.02 37.77 -8.25
CA ALA A 319 -25.77 38.55 -9.24
C ALA A 319 -25.78 40.05 -8.92
N ASP A 320 -26.02 40.40 -7.65
CA ASP A 320 -26.14 41.80 -7.26
C ASP A 320 -24.79 42.47 -7.02
N GLY A 321 -23.70 41.72 -7.07
CA GLY A 321 -22.38 42.28 -6.88
C GLY A 321 -22.03 42.62 -5.45
N SER A 322 -22.90 42.33 -4.49
CA SER A 322 -22.59 42.52 -3.08
C SER A 322 -21.45 41.60 -2.65
N ALA A 323 -20.75 42.02 -1.60
CA ALA A 323 -19.54 41.32 -1.20
C ALA A 323 -19.86 39.93 -0.64
N ALA A 324 -18.87 39.03 -0.71
CA ALA A 324 -19.01 37.70 -0.15
C ALA A 324 -19.13 37.75 1.37
N GLU A 325 -20.00 36.91 1.93
CA GLU A 325 -20.03 36.76 3.38
C GLU A 325 -18.80 35.94 3.81
N VAL A 326 -18.01 36.48 4.72
CA VAL A 326 -16.82 35.80 5.20
C VAL A 326 -16.94 35.65 6.71
N ASP A 327 -16.05 34.83 7.28
CA ASP A 327 -16.05 34.66 8.72
C ASP A 327 -15.03 35.65 9.31
N GLU A 328 -14.67 35.46 10.58
CA GLU A 328 -13.80 36.42 11.25
C GLU A 328 -12.38 36.38 10.68
N LYS A 329 -11.96 35.26 10.12
CA LYS A 329 -10.62 35.20 9.54
C LYS A 329 -10.64 35.53 8.05
N ASN A 330 -11.73 36.10 7.55
CA ASN A 330 -11.88 36.47 6.14
C ASN A 330 -11.98 35.25 5.24
N ARG A 331 -12.43 34.11 5.78
CA ARG A 331 -12.62 32.88 5.02
C ARG A 331 -14.05 32.79 4.51
N LEU A 332 -14.22 32.31 3.28
CA LEU A 332 -15.53 31.88 2.83
C LEU A 332 -15.85 30.54 3.50
N ARG A 333 -17.10 30.39 3.92
CA ARG A 333 -17.56 29.18 4.61
C ARG A 333 -18.68 28.58 3.77
N LEU A 334 -18.38 27.49 3.06
CA LEU A 334 -19.37 26.71 2.33
C LEU A 334 -19.77 25.46 3.11
N ASP A 335 -19.19 25.24 4.28
CA ASP A 335 -19.63 24.22 5.22
C ASP A 335 -20.70 24.74 6.19
N ASP A 336 -21.37 25.83 5.84
CA ASP A 336 -22.36 26.42 6.74
C ASP A 336 -23.57 25.50 6.92
N TRP A 337 -23.96 24.77 5.88
CA TRP A 337 -25.08 23.88 6.06
C TRP A 337 -24.71 22.67 6.89
N GLU A 338 -23.55 22.08 6.61
CA GLU A 338 -23.17 20.88 7.32
C GLU A 338 -22.94 21.15 8.81
N LEU A 339 -22.49 22.34 9.18
CA LEU A 339 -22.16 22.66 10.56
C LEU A 339 -23.32 23.31 11.30
N ARG A 340 -24.51 23.33 10.69
CA ARG A 340 -25.71 23.75 11.40
C ARG A 340 -25.96 22.85 12.60
N GLU A 341 -26.58 23.41 13.64
CA GLU A 341 -26.67 22.71 14.91
C GLU A 341 -27.58 21.49 14.80
N ASP A 342 -28.74 21.63 14.18
CA ASP A 342 -29.65 20.49 14.13
C ASP A 342 -29.01 19.33 13.38
N ILE A 343 -28.14 19.62 12.40
CA ILE A 343 -27.43 18.57 11.68
C ILE A 343 -26.37 17.95 12.56
N GLN A 344 -25.50 18.79 13.13
CA GLN A 344 -24.45 18.28 14.01
C GLN A 344 -25.03 17.61 15.24
N GLN A 345 -26.11 18.18 15.81
CA GLN A 345 -26.68 17.58 17.01
C GLN A 345 -27.15 16.17 16.74
N HIS A 346 -27.70 15.93 15.55
CA HIS A 346 -28.18 14.60 15.18
C HIS A 346 -27.05 13.59 15.25
N CYS A 347 -25.90 13.94 14.66
CA CYS A 347 -24.72 13.07 14.71
C CYS A 347 -24.27 12.84 16.14
N ARG A 348 -24.16 13.93 16.92
CA ARG A 348 -23.84 13.84 18.34
C ARG A 348 -24.71 12.81 19.05
N ASP A 349 -26.02 12.86 18.81
CA ASP A 349 -26.93 11.97 19.53
C ASP A 349 -26.82 10.54 19.04
N LEU A 350 -26.67 10.34 17.73
CA LEU A 350 -26.60 8.99 17.17
C LEU A 350 -25.26 8.32 17.39
N TRP A 351 -24.18 9.10 17.52
CA TRP A 351 -22.82 8.56 17.53
C TRP A 351 -22.59 7.45 18.56
N PRO A 352 -22.98 7.59 19.83
CA PRO A 352 -22.76 6.50 20.79
C PRO A 352 -23.58 5.25 20.48
N GLN A 353 -24.59 5.33 19.64
CA GLN A 353 -25.51 4.24 19.43
C GLN A 353 -25.20 3.44 18.17
N VAL A 354 -24.18 3.83 17.42
CA VAL A 354 -23.86 3.14 16.18
C VAL A 354 -23.12 1.84 16.50
N THR A 355 -23.57 0.76 15.86
CA THR A 355 -23.03 -0.58 16.01
C THR A 355 -22.84 -1.17 14.62
N THR A 356 -22.05 -2.24 14.54
CA THR A 356 -21.99 -3.01 13.30
C THR A 356 -23.38 -3.37 12.81
N GLU A 357 -24.31 -3.61 13.73
CA GLU A 357 -25.62 -4.15 13.41
C GLU A 357 -26.56 -3.08 12.85
N ASN A 358 -26.51 -1.85 13.37
CA ASN A 358 -27.42 -0.80 12.91
C ASN A 358 -26.72 0.19 11.99
N LEU A 359 -25.48 -0.10 11.60
CA LEU A 359 -24.73 0.80 10.73
C LEU A 359 -25.54 1.19 9.50
N LYS A 360 -26.02 0.20 8.76
CA LYS A 360 -26.77 0.50 7.55
C LYS A 360 -28.13 1.16 7.81
N ASP A 361 -28.64 1.14 9.06
CA ASP A 361 -29.89 1.82 9.40
C ASP A 361 -29.67 3.28 9.83
N LEU A 362 -28.66 3.54 10.67
CA LEU A 362 -28.45 4.89 11.17
C LEU A 362 -27.66 5.77 10.20
N THR A 363 -27.02 5.17 9.19
CA THR A 363 -26.11 5.90 8.31
C THR A 363 -26.30 5.41 6.88
N ASP A 364 -26.00 6.29 5.93
CA ASP A 364 -26.05 5.91 4.51
C ASP A 364 -24.73 5.25 4.08
N TYR A 365 -24.32 4.21 4.80
CA TYR A 365 -22.99 3.65 4.59
C TYR A 365 -22.90 2.82 3.32
N VAL A 366 -23.98 2.12 2.94
CA VAL A 366 -23.90 1.36 1.70
C VAL A 366 -23.82 2.34 0.53
N GLU A 367 -24.47 3.49 0.64
CA GLU A 367 -24.35 4.54 -0.36
C GLU A 367 -22.94 5.13 -0.38
N TYR A 368 -22.32 5.29 0.79
CA TYR A 368 -20.95 5.77 0.84
C TYR A 368 -20.06 4.96 -0.10
N LYS A 369 -20.16 3.63 -0.03
CA LYS A 369 -19.23 2.81 -0.79
C LYS A 369 -19.50 2.91 -2.28
N GLU A 370 -20.77 3.11 -2.64
CA GLU A 370 -21.09 3.30 -4.05
C GLU A 370 -20.47 4.59 -4.58
N GLU A 371 -20.65 5.67 -3.82
CA GLU A 371 -20.09 6.94 -4.23
C GLU A 371 -18.58 6.86 -4.35
N PHE A 372 -17.93 6.16 -3.39
CA PHE A 372 -16.50 5.97 -3.47
C PHE A 372 -16.11 5.21 -4.75
N LEU A 373 -16.89 4.19 -5.10
CA LEU A 373 -16.64 3.48 -6.36
C LEU A 373 -16.87 4.39 -7.56
N LYS A 374 -17.79 5.34 -7.42
CA LYS A 374 -18.06 6.27 -8.50
C LYS A 374 -16.86 7.15 -8.79
N LEU A 375 -16.00 7.38 -7.80
CA LEU A 375 -14.82 8.19 -8.04
C LEU A 375 -13.97 7.60 -9.17
N PHE A 376 -13.83 6.28 -9.20
CA PHE A 376 -12.99 5.61 -10.19
C PHE A 376 -13.75 5.21 -11.44
N GLY A 377 -15.03 5.57 -11.53
CA GLY A 377 -15.80 5.38 -12.73
C GLY A 377 -16.65 4.15 -12.77
N PHE A 378 -16.88 3.49 -11.62
CA PHE A 378 -17.68 2.27 -11.53
C PHE A 378 -19.03 2.55 -10.87
N GLY A 379 -19.99 1.67 -11.17
CA GLY A 379 -21.35 1.79 -10.70
C GLY A 379 -22.15 2.92 -11.34
N VAL A 380 -21.56 3.66 -12.26
CA VAL A 380 -22.25 4.78 -12.89
C VAL A 380 -23.38 4.27 -13.77
N ASP A 381 -24.31 5.16 -14.10
CA ASP A 381 -25.59 4.75 -14.68
C ASP A 381 -25.52 4.57 -16.20
N GLY A 382 -25.02 5.57 -16.93
CA GLY A 382 -25.06 5.46 -18.38
C GLY A 382 -23.98 4.60 -19.01
N VAL A 383 -23.57 3.53 -18.33
CA VAL A 383 -22.37 2.78 -18.72
C VAL A 383 -22.67 1.28 -18.69
N ASP A 384 -22.34 0.59 -19.78
CA ASP A 384 -22.35 -0.88 -19.78
C ASP A 384 -20.96 -1.36 -19.46
N TYR A 385 -20.82 -2.02 -18.31
CA TYR A 385 -19.49 -2.34 -17.82
C TYR A 385 -18.90 -3.59 -18.47
N ASP A 386 -19.71 -4.27 -19.31
CA ASP A 386 -19.27 -5.38 -20.16
C ASP A 386 -18.74 -4.93 -21.52
N ALA A 387 -18.85 -3.65 -21.85
CA ALA A 387 -18.32 -3.17 -23.12
C ALA A 387 -16.79 -3.18 -23.09
N ASP A 388 -16.20 -3.51 -24.23
CA ASP A 388 -14.77 -3.28 -24.39
C ASP A 388 -14.50 -1.78 -24.32
N VAL A 389 -13.32 -1.40 -23.81
CA VAL A 389 -12.97 0.00 -23.66
C VAL A 389 -11.49 0.20 -23.99
N ASN A 390 -11.19 1.23 -24.77
CA ASN A 390 -9.81 1.62 -25.03
C ASN A 390 -9.32 2.53 -23.91
N PRO A 391 -8.28 2.16 -23.15
CA PRO A 391 -7.81 3.04 -22.07
C PRO A 391 -6.93 4.18 -22.56
N GLU A 392 -6.46 4.11 -23.81
CA GLU A 392 -5.74 5.22 -24.41
C GLU A 392 -6.75 6.29 -24.80
N VAL A 393 -6.65 7.46 -24.17
CA VAL A 393 -7.56 8.57 -24.40
C VAL A 393 -6.74 9.86 -24.30
N ASN A 394 -6.64 10.59 -25.40
CA ASN A 394 -5.82 11.79 -25.47
C ASN A 394 -6.67 13.05 -25.44
N PHE A 395 -6.01 14.18 -25.29
CA PHE A 395 -6.66 15.48 -25.23
C PHE A 395 -5.58 16.55 -25.22
N ASP A 396 -6.00 17.80 -25.07
CA ASP A 396 -5.14 18.95 -25.29
C ASP A 396 -4.30 19.22 -24.04
N VAL A 397 -3.30 18.36 -23.83
CA VAL A 397 -2.50 18.44 -22.62
C VAL A 397 -1.03 18.29 -22.95
N ALA A 398 -0.21 19.11 -22.32
CA ALA A 398 1.24 19.10 -22.48
C ALA A 398 1.89 18.79 -21.13
N ASP A 399 2.98 18.02 -21.17
CA ASP A 399 3.70 17.62 -19.97
C ASP A 399 4.54 18.76 -19.41
N ILE A 400 4.80 18.67 -18.12
CA ILE A 400 5.68 19.58 -17.39
C ILE A 400 4.95 20.86 -17.10
N MET B 1 40.58 -22.79 0.30
CA MET B 1 39.90 -21.84 -0.57
C MET B 1 39.76 -20.48 0.06
N ILE B 2 39.95 -19.46 -0.72
CA ILE B 2 39.73 -18.11 -0.28
C ILE B 2 38.58 -17.71 -1.15
N ILE B 3 37.49 -17.36 -0.52
CA ILE B 3 36.27 -17.08 -1.24
C ILE B 3 35.85 -15.66 -1.37
N LYS B 4 35.55 -15.33 -2.60
CA LYS B 4 35.08 -14.05 -3.06
C LYS B 4 33.62 -14.11 -3.55
N PRO B 5 32.84 -13.08 -3.34
CA PRO B 5 31.50 -13.05 -3.92
C PRO B 5 31.58 -12.87 -5.42
N ARG B 6 30.90 -13.73 -6.16
CA ARG B 6 30.72 -13.52 -7.60
C ARG B 6 29.25 -13.16 -7.78
N ILE B 7 28.99 -11.87 -7.92
CA ILE B 7 27.61 -11.38 -7.93
C ILE B 7 27.48 -10.20 -8.89
N ARG B 8 26.51 -10.31 -9.80
CA ARG B 8 25.97 -9.21 -10.57
C ARG B 8 24.46 -9.20 -10.38
N GLY B 9 23.89 -8.00 -10.25
CA GLY B 9 22.50 -7.88 -9.86
C GLY B 9 22.19 -8.77 -8.67
N PHE B 10 21.14 -9.55 -8.77
CA PHE B 10 20.72 -10.43 -7.69
C PHE B 10 20.94 -11.90 -8.04
N ILE B 11 22.08 -12.21 -8.65
CA ILE B 11 22.52 -13.59 -8.77
C ILE B 11 23.93 -13.65 -8.20
N CYS B 12 24.10 -14.48 -7.17
CA CYS B 12 25.37 -14.73 -6.50
C CYS B 12 25.68 -16.22 -6.62
N THR B 13 26.82 -16.56 -7.21
CA THR B 13 27.19 -17.95 -7.45
C THR B 13 28.15 -18.51 -6.41
N THR B 14 28.56 -17.72 -5.43
CA THR B 14 29.41 -18.21 -4.36
C THR B 14 28.72 -18.04 -3.01
N THR B 15 29.13 -18.86 -2.05
CA THR B 15 28.75 -18.67 -0.66
C THR B 15 29.98 -18.81 0.24
N HIS B 16 29.86 -18.25 1.44
CA HIS B 16 30.97 -18.25 2.39
C HIS B 16 30.58 -19.05 3.63
N PRO B 17 31.13 -20.26 3.81
CA PRO B 17 30.69 -21.14 4.92
C PRO B 17 30.69 -20.47 6.29
N VAL B 18 31.67 -19.60 6.56
CA VAL B 18 31.81 -19.04 7.90
C VAL B 18 30.81 -17.91 8.13
N GLY B 19 30.57 -17.07 7.11
CA GLY B 19 29.51 -16.09 7.22
C GLY B 19 28.16 -16.74 7.47
N CYS B 20 27.85 -17.81 6.71
CA CYS B 20 26.58 -18.50 6.90
C CYS B 20 26.42 -19.02 8.32
N GLU B 21 27.49 -19.55 8.91
CA GLU B 21 27.42 -20.05 10.28
C GLU B 21 27.18 -18.90 11.25
N GLN B 22 27.94 -17.81 11.10
CA GLN B 22 27.72 -16.60 11.89
C GLN B 22 26.29 -16.09 11.73
N ASN B 23 25.71 -16.19 10.52
CA ASN B 23 24.32 -15.82 10.33
C ASN B 23 23.42 -16.65 11.23
N VAL B 24 23.63 -17.96 11.22
CA VAL B 24 22.82 -18.86 12.04
C VAL B 24 23.07 -18.62 13.52
N LYS B 25 24.31 -18.31 13.89
CA LYS B 25 24.62 -18.10 15.30
C LYS B 25 23.94 -16.83 15.81
N GLU B 26 23.86 -15.79 14.98
CA GLU B 26 23.19 -14.56 15.39
C GLU B 26 21.70 -14.78 15.57
N GLN B 27 21.06 -15.56 14.67
CA GLN B 27 19.65 -15.82 14.84
C GLN B 27 19.38 -16.69 16.06
N ILE B 28 20.34 -17.56 16.41
CA ILE B 28 20.24 -18.36 17.62
C ILE B 28 20.32 -17.48 18.86
N ALA B 29 21.26 -16.53 18.86
CA ALA B 29 21.33 -15.56 19.95
C ALA B 29 20.05 -14.75 20.09
N LEU B 30 19.47 -14.33 18.95
CA LEU B 30 18.24 -13.53 19.00
C LEU B 30 17.10 -14.32 19.59
N THR B 31 16.99 -15.59 19.18
CA THR B 31 15.91 -16.44 19.69
C THR B 31 16.13 -16.74 21.18
N LYS B 32 17.37 -17.06 21.58
CA LYS B 32 17.65 -17.27 23.01
C LYS B 32 17.39 -15.99 23.82
N ALA B 33 17.78 -14.84 23.27
CA ALA B 33 17.65 -13.58 23.98
C ALA B 33 16.22 -13.24 24.35
N GLN B 34 15.23 -13.91 23.78
CA GLN B 34 13.86 -13.60 24.15
C GLN B 34 13.30 -14.51 25.24
N GLY B 35 14.03 -15.54 25.62
CA GLY B 35 13.61 -16.40 26.70
C GLY B 35 12.78 -17.57 26.21
N PRO B 36 12.78 -18.65 26.99
CA PRO B 36 12.12 -19.88 26.56
C PRO B 36 10.63 -19.70 26.34
N ILE B 37 10.13 -20.33 25.27
CA ILE B 37 8.72 -20.21 24.91
C ILE B 37 7.90 -21.20 25.72
N ALA B 38 6.90 -20.69 26.42
CA ALA B 38 6.06 -21.52 27.28
C ALA B 38 5.24 -22.49 26.44
N ASN B 39 5.16 -23.74 26.90
CA ASN B 39 4.32 -24.77 26.30
C ASN B 39 4.66 -25.02 24.83
N ALA B 40 5.89 -24.71 24.42
CA ALA B 40 6.27 -24.88 23.03
C ALA B 40 6.39 -26.37 22.68
N PRO B 41 6.19 -26.74 21.42
CA PRO B 41 6.26 -28.17 21.03
C PRO B 41 7.66 -28.74 21.20
N LYS B 42 7.73 -30.06 21.47
CA LYS B 42 8.99 -30.70 21.83
C LYS B 42 9.60 -31.53 20.72
N ARG B 43 8.82 -31.89 19.69
CA ARG B 43 9.28 -32.74 18.60
C ARG B 43 8.74 -32.16 17.30
N VAL B 44 9.61 -31.44 16.57
CA VAL B 44 9.20 -30.60 15.47
C VAL B 44 9.82 -31.07 14.16
N LEU B 45 9.00 -31.21 13.14
CA LEU B 45 9.44 -31.47 11.77
C LEU B 45 9.30 -30.20 10.96
N VAL B 46 10.36 -29.81 10.25
CA VAL B 46 10.34 -28.64 9.38
C VAL B 46 10.66 -29.12 7.97
N VAL B 47 9.63 -29.19 7.11
CA VAL B 47 9.82 -29.46 5.69
C VAL B 47 10.20 -28.17 4.99
N GLY B 48 11.47 -28.06 4.60
CA GLY B 48 11.97 -26.87 3.97
C GLY B 48 12.70 -26.04 5.00
N SER B 49 13.80 -26.56 5.54
CA SER B 49 14.29 -26.09 6.83
C SER B 49 15.64 -25.36 6.74
N SER B 50 16.15 -25.10 5.52
CA SER B 50 17.57 -24.70 5.37
C SER B 50 17.79 -23.19 5.29
N SER B 51 16.78 -22.39 5.02
CA SER B 51 17.02 -20.96 4.84
C SER B 51 15.74 -20.19 5.14
N GLY B 52 15.88 -18.87 5.24
CA GLY B 52 14.72 -17.99 5.33
C GLY B 52 13.77 -18.40 6.44
N TYR B 53 12.49 -18.47 6.12
CA TYR B 53 11.49 -18.76 7.15
C TYR B 53 11.65 -20.17 7.71
N GLY B 54 11.95 -21.16 6.85
CA GLY B 54 12.14 -22.51 7.33
C GLY B 54 13.30 -22.65 8.30
N LEU B 55 14.44 -22.01 7.98
CA LEU B 55 15.55 -21.96 8.92
C LEU B 55 15.14 -21.34 10.25
N SER B 56 14.47 -20.18 10.20
CA SER B 56 14.01 -19.49 11.39
C SER B 56 13.01 -20.32 12.20
N SER B 57 12.20 -21.15 11.54
CA SER B 57 11.30 -22.04 12.25
C SER B 57 12.07 -23.09 13.04
N ARG B 58 13.06 -23.71 12.41
CA ARG B 58 13.82 -24.74 13.12
C ARG B 58 14.64 -24.13 14.25
N ILE B 59 15.10 -22.89 14.09
CA ILE B 59 15.79 -22.23 15.19
C ILE B 59 14.81 -21.88 16.32
N THR B 60 13.60 -21.45 15.99
CA THR B 60 12.64 -21.10 17.05
C THR B 60 12.23 -22.32 17.83
N ALA B 61 11.91 -23.40 17.13
CA ALA B 61 11.53 -24.65 17.78
C ALA B 61 12.64 -25.13 18.73
N ALA B 62 13.86 -25.25 18.21
CA ALA B 62 14.94 -25.85 18.98
C ALA B 62 15.42 -24.91 20.08
N PHE B 63 15.86 -23.70 19.71
CA PHE B 63 16.46 -22.80 20.66
C PHE B 63 15.45 -21.90 21.36
N GLY B 64 14.19 -21.91 20.95
CA GLY B 64 13.19 -21.13 21.66
C GLY B 64 12.32 -22.03 22.51
N GLY B 65 11.88 -23.16 21.94
CA GLY B 65 11.06 -24.11 22.67
C GLY B 65 11.72 -25.40 23.09
N GLY B 66 13.04 -25.51 22.98
CA GLY B 66 13.75 -26.69 23.44
C GLY B 66 13.41 -27.96 22.70
N ALA B 67 13.00 -27.86 21.44
CA ALA B 67 12.47 -28.99 20.72
C ALA B 67 13.58 -29.80 20.05
N SER B 68 13.38 -31.12 20.05
CA SER B 68 14.05 -31.94 19.06
C SER B 68 13.49 -31.60 17.68
N THR B 69 14.39 -31.49 16.69
CA THR B 69 13.97 -31.16 15.32
C THR B 69 14.52 -32.14 14.27
N ILE B 70 13.69 -32.36 13.27
CA ILE B 70 14.06 -33.00 12.02
C ILE B 70 13.79 -31.99 10.91
N GLY B 71 14.80 -31.76 10.08
CA GLY B 71 14.69 -30.84 8.95
C GLY B 71 14.86 -31.54 7.61
N VAL B 72 14.08 -31.10 6.63
CA VAL B 72 14.09 -31.64 5.27
C VAL B 72 14.38 -30.47 4.31
N PHE B 73 15.42 -30.62 3.49
CA PHE B 73 15.84 -29.59 2.54
C PHE B 73 16.49 -30.27 1.35
N PHE B 74 16.68 -29.51 0.26
CA PHE B 74 17.52 -29.92 -0.87
C PHE B 74 18.64 -28.90 -1.06
N GLU B 75 19.85 -29.29 -0.64
CA GLU B 75 21.01 -28.43 -0.61
C GLU B 75 22.20 -29.20 -1.16
N LYS B 76 23.24 -28.46 -1.53
CA LYS B 76 24.40 -29.01 -2.22
C LYS B 76 25.60 -28.90 -1.29
N ALA B 77 26.23 -30.02 -0.98
CA ALA B 77 27.35 -29.98 -0.08
C ALA B 77 28.54 -29.32 -0.74
N GLY B 78 29.40 -28.74 0.08
CA GLY B 78 30.64 -28.19 -0.42
C GLY B 78 31.73 -29.24 -0.51
N THR B 79 32.58 -29.08 -1.53
CA THR B 79 33.80 -29.86 -1.69
C THR B 79 34.97 -29.01 -1.24
N GLU B 80 36.17 -29.59 -1.26
CA GLU B 80 37.35 -28.78 -0.97
C GLU B 80 37.60 -27.76 -2.06
N LYS B 81 37.06 -27.99 -3.26
CA LYS B 81 37.26 -27.09 -4.40
C LYS B 81 36.05 -26.21 -4.72
N LYS B 82 34.90 -26.41 -4.07
CA LYS B 82 33.72 -25.62 -4.43
C LYS B 82 32.71 -25.55 -3.30
N PRO B 83 32.47 -24.36 -2.76
CA PRO B 83 31.45 -24.21 -1.70
C PRO B 83 30.07 -24.65 -2.15
N GLY B 84 29.33 -25.24 -1.22
CA GLY B 84 27.96 -25.62 -1.48
C GLY B 84 27.03 -24.42 -1.39
N THR B 85 25.74 -24.72 -1.36
CA THR B 85 24.71 -23.69 -1.31
C THR B 85 24.60 -23.10 0.11
N ALA B 86 24.08 -21.88 0.20
CA ALA B 86 23.98 -21.20 1.49
C ALA B 86 23.27 -22.06 2.52
N GLY B 87 22.18 -22.74 2.13
CA GLY B 87 21.39 -23.57 3.03
C GLY B 87 22.08 -24.85 3.48
N TRP B 88 23.06 -25.32 2.73
CA TRP B 88 23.88 -26.41 3.26
C TRP B 88 24.60 -25.96 4.53
N TYR B 89 25.35 -24.86 4.42
CA TYR B 89 26.06 -24.35 5.58
C TYR B 89 25.11 -23.86 6.68
N ASN B 90 23.96 -23.26 6.31
CA ASN B 90 22.96 -22.91 7.32
C ASN B 90 22.57 -24.14 8.13
N SER B 91 22.31 -25.26 7.46
CA SER B 91 21.86 -26.44 8.18
C SER B 91 23.00 -27.07 8.98
N ALA B 92 24.20 -27.02 8.45
CA ALA B 92 25.34 -27.55 9.18
C ALA B 92 25.59 -26.74 10.43
N ALA B 93 25.52 -25.41 10.33
CA ALA B 93 25.68 -24.58 11.52
C ALA B 93 24.58 -24.85 12.54
N PHE B 94 23.34 -25.03 12.05
CA PHE B 94 22.26 -25.38 12.96
C PHE B 94 22.59 -26.66 13.72
N ASP B 95 22.98 -27.69 12.99
CA ASP B 95 23.30 -28.99 13.58
C ASP B 95 24.42 -28.85 14.60
N LYS B 96 25.53 -28.23 14.20
CA LYS B 96 26.65 -28.01 15.10
C LYS B 96 26.18 -27.39 16.42
N PHE B 97 25.52 -26.24 16.34
CA PHE B 97 25.09 -25.51 17.55
C PHE B 97 24.03 -26.28 18.33
N ALA B 98 23.11 -26.95 17.64
CA ALA B 98 22.09 -27.71 18.35
C ALA B 98 22.71 -28.81 19.21
N LYS B 99 23.72 -29.50 18.67
CA LYS B 99 24.34 -30.62 19.40
C LYS B 99 25.19 -30.12 20.56
N GLU B 100 25.93 -29.03 20.37
CA GLU B 100 26.68 -28.42 21.47
C GLU B 100 25.82 -28.17 22.70
N GLU B 101 24.50 -28.14 22.53
CA GLU B 101 23.54 -27.83 23.57
C GLU B 101 22.66 -29.04 23.94
N GLY B 102 22.98 -30.23 23.42
CA GLY B 102 22.24 -31.44 23.72
C GLY B 102 20.93 -31.61 23.01
N LEU B 103 20.65 -30.82 21.97
CA LEU B 103 19.36 -30.90 21.29
C LEU B 103 19.43 -31.92 20.14
N TYR B 104 18.38 -32.72 20.02
CA TYR B 104 18.31 -33.72 18.96
C TYR B 104 18.06 -33.05 17.62
N SER B 105 18.96 -33.30 16.66
CA SER B 105 18.97 -32.61 15.39
C SER B 105 19.36 -33.61 14.30
N LYS B 106 18.40 -34.01 13.47
CA LYS B 106 18.63 -34.86 12.31
C LYS B 106 18.07 -34.16 11.09
N SER B 107 18.68 -34.43 9.93
CA SER B 107 18.30 -33.76 8.69
C SER B 107 18.34 -34.72 7.51
N LEU B 108 17.46 -34.46 6.55
CA LEU B 108 17.25 -35.32 5.39
C LEU B 108 17.34 -34.46 4.14
N ASN B 109 18.30 -34.79 3.27
CA ASN B 109 18.63 -33.99 2.11
C ASN B 109 18.17 -34.69 0.85
N GLY B 110 17.22 -34.09 0.13
CA GLY B 110 16.65 -34.72 -1.06
C GLY B 110 15.44 -33.97 -1.56
N ASP B 111 14.56 -34.71 -2.25
CA ASP B 111 13.36 -34.16 -2.89
C ASP B 111 12.17 -34.27 -1.93
N ALA B 112 11.78 -33.17 -1.30
CA ALA B 112 10.66 -33.24 -0.37
C ALA B 112 9.34 -33.59 -1.04
N PHE B 113 9.19 -33.39 -2.36
CA PHE B 113 7.92 -33.74 -2.99
C PHE B 113 7.81 -35.23 -3.30
N SER B 114 8.87 -36.01 -3.11
CA SER B 114 8.85 -37.43 -3.42
C SER B 114 8.23 -38.25 -2.30
N ASN B 115 7.56 -39.34 -2.68
CA ASN B 115 7.10 -40.35 -1.73
C ASN B 115 8.22 -40.80 -0.80
N GLU B 116 9.44 -40.93 -1.34
CA GLU B 116 10.55 -41.42 -0.55
C GLU B 116 10.90 -40.51 0.60
N ALA B 117 10.58 -39.23 0.48
CA ALA B 117 10.84 -38.30 1.57
C ALA B 117 9.87 -38.53 2.72
N LYS B 118 8.59 -38.70 2.42
CA LYS B 118 7.63 -39.01 3.48
C LYS B 118 8.06 -40.27 4.23
N GLN B 119 8.46 -41.31 3.49
CA GLN B 119 8.76 -42.60 4.10
C GLN B 119 10.06 -42.56 4.89
N LYS B 120 11.09 -41.94 4.33
CA LYS B 120 12.34 -41.79 5.07
C LYS B 120 12.16 -40.93 6.33
N THR B 121 11.20 -39.99 6.28
CA THR B 121 10.91 -39.17 7.45
C THR B 121 10.16 -39.98 8.49
N ILE B 122 9.17 -40.77 8.05
CA ILE B 122 8.45 -41.68 8.95
C ILE B 122 9.43 -42.61 9.66
N ASP B 123 10.40 -43.15 8.93
CA ASP B 123 11.38 -44.04 9.54
C ASP B 123 12.26 -43.31 10.55
N LEU B 124 12.70 -42.09 10.21
CA LEU B 124 13.53 -41.33 11.15
C LEU B 124 12.76 -41.02 12.41
N ILE B 125 11.47 -40.67 12.28
CA ILE B 125 10.68 -40.31 13.45
C ILE B 125 10.52 -41.48 14.40
N LYS B 126 10.43 -42.71 13.87
CA LYS B 126 10.20 -43.88 14.71
C LYS B 126 11.43 -44.34 15.49
N GLU B 127 12.62 -43.92 15.10
CA GLU B 127 13.79 -44.45 15.76
C GLU B 127 14.21 -43.65 16.99
N ASP B 128 13.57 -42.51 17.27
CA ASP B 128 13.91 -41.79 18.50
C ASP B 128 12.75 -40.95 19.03
N LEU B 129 12.22 -40.06 18.20
CA LEU B 129 11.19 -39.13 18.67
C LEU B 129 9.83 -39.78 18.82
N GLY B 130 9.51 -40.76 17.97
CA GLY B 130 8.29 -41.53 18.10
C GLY B 130 7.11 -40.89 17.41
N GLN B 131 6.72 -39.69 17.85
CA GLN B 131 5.71 -38.88 17.18
C GLN B 131 6.17 -37.43 17.15
N ILE B 132 5.45 -36.63 16.35
CA ILE B 132 5.79 -35.23 16.11
C ILE B 132 4.68 -34.34 16.63
N ASP B 133 5.06 -33.27 17.33
CA ASP B 133 4.10 -32.34 17.90
C ASP B 133 3.77 -31.18 16.98
N MET B 134 4.72 -30.76 16.13
CA MET B 134 4.46 -29.69 15.17
C MET B 134 5.15 -29.97 13.86
N VAL B 135 4.41 -29.79 12.75
CA VAL B 135 4.95 -29.90 11.40
C VAL B 135 4.90 -28.52 10.75
N VAL B 136 6.06 -27.99 10.39
CA VAL B 136 6.17 -26.71 9.71
C VAL B 136 6.40 -26.99 8.23
N TYR B 137 5.52 -26.47 7.38
CA TYR B 137 5.63 -26.63 5.94
C TYR B 137 6.10 -25.30 5.34
N SER B 138 7.41 -25.17 5.19
CA SER B 138 8.01 -23.93 4.70
C SER B 138 8.76 -24.14 3.38
N LEU B 139 8.34 -25.12 2.58
CA LEU B 139 8.99 -25.35 1.28
C LEU B 139 8.74 -24.19 0.34
N ALA B 140 9.81 -23.62 -0.21
CA ALA B 140 9.67 -22.53 -1.16
C ALA B 140 10.27 -22.95 -2.49
N SER B 141 9.72 -23.98 -3.12
CA SER B 141 10.39 -24.36 -4.35
C SER B 141 9.57 -23.92 -5.55
N PRO B 142 10.18 -23.34 -6.55
CA PRO B 142 9.43 -22.96 -7.76
C PRO B 142 9.19 -24.14 -8.71
N VAL B 143 9.50 -25.35 -8.26
CA VAL B 143 9.47 -26.52 -9.11
C VAL B 143 9.01 -27.72 -8.28
N ARG B 144 8.14 -28.56 -8.86
CA ARG B 144 7.71 -29.79 -8.20
C ARG B 144 7.79 -30.95 -9.18
N LYS B 145 8.57 -31.98 -8.82
CA LYS B 145 8.64 -33.22 -9.59
C LYS B 145 7.51 -34.11 -9.11
N MET B 146 6.49 -34.32 -9.96
CA MET B 146 5.29 -35.01 -9.53
C MET B 146 5.66 -36.39 -9.02
N PRO B 147 5.30 -36.73 -7.79
CA PRO B 147 5.38 -38.13 -7.39
C PRO B 147 4.31 -38.86 -8.16
N GLU B 148 4.52 -40.16 -8.34
CA GLU B 148 3.80 -41.00 -9.28
C GLU B 148 4.38 -40.82 -10.68
N THR B 149 4.08 -39.70 -11.37
CA THR B 149 4.44 -39.58 -12.79
C THR B 149 5.91 -39.23 -13.00
N GLY B 150 6.48 -38.32 -12.20
CA GLY B 150 7.86 -37.91 -12.36
C GLY B 150 8.05 -36.62 -13.14
N GLU B 151 6.96 -36.05 -13.66
CA GLU B 151 7.02 -34.87 -14.51
C GLU B 151 7.45 -33.65 -13.69
N VAL B 152 8.35 -32.85 -14.26
CA VAL B 152 8.81 -31.64 -13.59
C VAL B 152 7.86 -30.50 -13.98
N ILE B 153 7.22 -29.90 -12.98
CA ILE B 153 6.29 -28.80 -13.17
C ILE B 153 6.91 -27.54 -12.59
N ARG B 154 6.80 -26.44 -13.32
CA ARG B 154 7.28 -25.16 -12.87
C ARG B 154 6.09 -24.25 -12.60
N SER B 155 6.21 -23.38 -11.60
CA SER B 155 5.15 -22.42 -11.32
C SER B 155 5.51 -21.07 -11.93
N SER B 156 4.51 -20.19 -11.99
CA SER B 156 4.59 -18.96 -12.74
C SER B 156 4.52 -17.75 -11.81
N LEU B 157 5.16 -16.66 -12.21
CA LEU B 157 5.10 -15.39 -11.52
C LEU B 157 4.27 -14.36 -12.27
N LYS B 158 3.30 -14.80 -13.04
CA LYS B 158 2.65 -13.91 -13.98
C LYS B 158 1.27 -13.50 -13.48
N PRO B 159 0.74 -12.38 -13.98
CA PRO B 159 -0.66 -12.05 -13.70
C PRO B 159 -1.59 -12.95 -14.50
N ILE B 160 -2.87 -12.84 -14.19
CA ILE B 160 -3.92 -13.49 -14.95
C ILE B 160 -4.73 -12.41 -15.64
N GLY B 161 -4.80 -12.48 -16.98
CA GLY B 161 -5.77 -11.70 -17.71
C GLY B 161 -5.17 -10.50 -18.42
N GLU B 162 -4.57 -9.60 -17.66
CA GLU B 162 -3.96 -8.42 -18.25
C GLU B 162 -2.49 -8.34 -17.87
N THR B 163 -1.76 -7.51 -18.60
CA THR B 163 -0.35 -7.26 -18.32
C THR B 163 -0.20 -6.57 -16.98
N TYR B 164 0.88 -6.87 -16.29
CA TYR B 164 1.20 -6.29 -14.99
C TYR B 164 2.42 -5.40 -15.14
N THR B 165 2.25 -4.09 -14.99
CA THR B 165 3.33 -3.12 -15.12
C THR B 165 3.51 -2.33 -13.84
N ALA B 166 4.75 -2.24 -13.36
CA ALA B 166 5.02 -1.66 -12.06
C ALA B 166 6.39 -0.99 -12.09
N THR B 167 6.55 0.04 -11.24
CA THR B 167 7.84 0.64 -10.99
C THR B 167 8.80 -0.38 -10.38
N ALA B 168 10.07 -0.29 -10.76
CA ALA B 168 11.08 -1.25 -10.32
C ALA B 168 12.48 -0.64 -10.44
N VAL B 169 13.43 -1.27 -9.75
CA VAL B 169 14.84 -0.89 -9.84
C VAL B 169 15.55 -1.88 -10.75
N ASP B 170 16.22 -1.35 -11.79
CA ASP B 170 17.06 -2.13 -12.70
C ASP B 170 18.45 -2.31 -12.10
N THR B 171 19.00 -3.52 -12.22
CA THR B 171 20.27 -3.84 -11.53
C THR B 171 21.49 -3.27 -12.25
N ASN B 172 21.36 -2.87 -13.52
CA ASN B 172 22.36 -2.02 -14.17
C ASN B 172 22.17 -0.59 -13.69
N LYS B 173 23.07 -0.14 -12.82
CA LYS B 173 23.16 1.26 -12.38
C LYS B 173 22.01 1.66 -11.44
N ASP B 174 21.27 0.68 -10.90
CA ASP B 174 20.20 0.92 -9.91
C ASP B 174 19.19 1.97 -10.39
N ALA B 175 18.83 1.90 -11.67
CA ALA B 175 17.98 2.91 -12.26
C ALA B 175 16.52 2.49 -12.13
N ILE B 176 15.66 3.49 -11.95
CA ILE B 176 14.22 3.29 -11.85
C ILE B 176 13.66 3.03 -13.23
N ILE B 177 12.82 2.01 -13.35
CA ILE B 177 12.28 1.55 -14.64
C ILE B 177 10.84 1.10 -14.43
N GLU B 178 10.12 0.94 -15.54
CA GLU B 178 8.76 0.42 -15.52
C GLU B 178 8.80 -0.97 -16.14
N ALA B 179 8.53 -1.99 -15.33
CA ALA B 179 8.72 -3.39 -15.71
C ALA B 179 7.37 -4.06 -15.97
N SER B 180 7.28 -4.82 -17.05
CA SER B 180 6.05 -5.50 -17.45
C SER B 180 6.20 -7.00 -17.36
N VAL B 181 5.15 -7.67 -16.89
CA VAL B 181 5.08 -9.13 -16.86
C VAL B 181 3.78 -9.54 -17.54
N GLU B 182 3.86 -10.47 -18.50
CA GLU B 182 2.74 -10.77 -19.38
C GLU B 182 1.87 -11.87 -18.78
N PRO B 183 0.60 -11.95 -19.15
CA PRO B 183 -0.32 -12.83 -18.42
C PRO B 183 0.05 -14.30 -18.57
N ALA B 184 -0.37 -15.09 -17.59
CA ALA B 184 -0.14 -16.52 -17.62
C ALA B 184 -1.12 -17.19 -18.58
N THR B 185 -0.67 -18.29 -19.18
CA THR B 185 -1.58 -19.21 -19.87
C THR B 185 -2.28 -20.09 -18.84
N GLU B 186 -3.40 -20.70 -19.26
CA GLU B 186 -4.17 -21.51 -18.32
C GLU B 186 -3.34 -22.67 -17.76
N GLN B 187 -2.51 -23.28 -18.60
CA GLN B 187 -1.64 -24.32 -18.07
C GLN B 187 -0.64 -23.77 -17.06
N GLU B 188 -0.14 -22.55 -17.27
CA GLU B 188 0.76 -21.97 -16.29
C GLU B 188 0.05 -21.77 -14.96
N ILE B 189 -1.21 -21.34 -14.98
CA ILE B 189 -1.97 -21.15 -13.75
C ILE B 189 -2.21 -22.50 -13.05
N LYS B 190 -2.62 -23.52 -13.83
CA LYS B 190 -2.78 -24.85 -13.27
C LYS B 190 -1.51 -25.31 -12.60
N ASP B 191 -0.39 -25.22 -13.33
CA ASP B 191 0.91 -25.61 -12.83
C ASP B 191 1.30 -24.84 -11.57
N THR B 192 0.89 -23.57 -11.45
CA THR B 192 1.24 -22.82 -10.26
C THR B 192 0.49 -23.33 -9.03
N VAL B 193 -0.75 -23.77 -9.21
CA VAL B 193 -1.43 -24.45 -8.12
C VAL B 193 -0.71 -25.75 -7.75
N THR B 194 -0.24 -26.49 -8.76
CA THR B 194 0.37 -27.78 -8.48
C THR B 194 1.65 -27.64 -7.67
N VAL B 195 2.36 -26.53 -7.83
CA VAL B 195 3.65 -26.32 -7.16
C VAL B 195 3.49 -25.60 -5.83
N MET B 196 2.69 -24.53 -5.79
CA MET B 196 2.64 -23.63 -4.65
C MET B 196 1.33 -23.72 -3.89
N GLY B 197 0.45 -24.67 -4.22
CA GLY B 197 -0.78 -24.88 -3.49
C GLY B 197 -0.55 -25.76 -2.27
N GLY B 198 -1.61 -26.44 -1.83
CA GLY B 198 -1.53 -27.27 -0.66
C GLY B 198 -1.38 -28.77 -0.85
N GLU B 199 -1.20 -29.24 -2.08
CA GLU B 199 -1.25 -30.67 -2.35
C GLU B 199 -0.12 -31.42 -1.64
N ASP B 200 1.11 -30.91 -1.76
CA ASP B 200 2.20 -31.59 -1.11
C ASP B 200 2.13 -31.44 0.40
N TRP B 201 1.59 -30.31 0.88
CA TRP B 201 1.30 -30.16 2.30
C TRP B 201 0.47 -31.34 2.80
N GLU B 202 -0.69 -31.57 2.16
CA GLU B 202 -1.56 -32.67 2.57
C GLU B 202 -0.88 -34.02 2.42
N LEU B 203 -0.06 -34.19 1.38
CA LEU B 203 0.65 -35.45 1.21
C LEU B 203 1.51 -35.76 2.43
N TRP B 204 2.16 -34.74 3.00
CA TRP B 204 3.00 -34.95 4.17
C TRP B 204 2.15 -35.27 5.41
N ILE B 205 1.12 -34.46 5.69
CA ILE B 205 0.32 -34.65 6.90
C ILE B 205 -0.41 -35.99 6.89
N ASN B 206 -0.98 -36.37 5.74
CA ASN B 206 -1.67 -37.66 5.64
C ASN B 206 -0.69 -38.82 5.73
N ALA B 207 0.42 -38.75 4.99
CA ALA B 207 1.43 -39.82 5.07
C ALA B 207 1.91 -40.02 6.50
N LEU B 208 2.06 -38.92 7.26
CA LEU B 208 2.60 -39.03 8.61
C LEU B 208 1.57 -39.53 9.60
N SER B 209 0.31 -39.08 9.52
CA SER B 209 -0.72 -39.62 10.41
C SER B 209 -0.92 -41.11 10.17
N GLU B 210 -1.15 -41.48 8.90
CA GLU B 210 -1.45 -42.87 8.58
C GLU B 210 -0.35 -43.82 9.00
N ALA B 211 0.85 -43.32 9.22
CA ALA B 211 1.93 -44.11 9.81
C ALA B 211 1.99 -43.96 11.32
N GLY B 212 1.11 -43.16 11.92
CA GLY B 212 1.04 -43.03 13.36
C GLY B 212 2.12 -42.20 14.03
N VAL B 213 2.66 -41.19 13.36
CA VAL B 213 3.75 -40.38 13.92
C VAL B 213 3.32 -38.94 14.18
N LEU B 214 2.03 -38.63 14.02
CA LEU B 214 1.48 -37.35 14.46
C LEU B 214 0.95 -37.52 15.87
N ALA B 215 1.56 -36.85 16.84
CA ALA B 215 1.06 -36.89 18.20
C ALA B 215 -0.32 -36.25 18.28
N ASP B 216 -1.11 -36.69 19.27
CA ASP B 216 -2.37 -36.02 19.56
C ASP B 216 -2.10 -34.55 19.84
N GLY B 217 -2.93 -33.69 19.27
CA GLY B 217 -2.71 -32.25 19.40
C GLY B 217 -1.61 -31.66 18.52
N CYS B 218 -1.17 -32.39 17.50
CA CYS B 218 -0.15 -31.87 16.58
C CYS B 218 -0.70 -30.70 15.77
N LYS B 219 0.03 -29.58 15.75
CA LYS B 219 -0.31 -28.43 14.92
C LYS B 219 0.58 -28.40 13.67
N THR B 220 -0.03 -28.06 12.53
CA THR B 220 0.75 -27.85 11.32
C THR B 220 0.47 -26.45 10.77
N VAL B 221 1.51 -25.86 10.21
CA VAL B 221 1.45 -24.49 9.70
C VAL B 221 2.18 -24.48 8.36
N ALA B 222 1.58 -23.84 7.35
CA ALA B 222 2.17 -23.64 6.04
C ALA B 222 2.21 -22.16 5.73
N TYR B 223 3.35 -21.70 5.19
CA TYR B 223 3.62 -20.27 5.06
C TYR B 223 3.09 -19.72 3.75
N SER B 224 2.67 -18.46 3.79
CA SER B 224 2.09 -17.81 2.63
C SER B 224 2.46 -16.34 2.66
N TYR B 225 2.09 -15.64 1.58
CA TYR B 225 2.38 -14.22 1.43
C TYR B 225 1.21 -13.56 0.75
N ILE B 226 0.77 -12.44 1.30
CA ILE B 226 -0.32 -11.67 0.73
C ILE B 226 0.16 -10.34 0.14
N GLY B 227 1.06 -9.65 0.83
CA GLY B 227 1.66 -8.48 0.22
C GLY B 227 0.76 -7.25 0.13
N THR B 228 1.29 -6.26 -0.57
CA THR B 228 0.67 -4.95 -0.72
C THR B 228 -0.07 -4.83 -2.07
N GLU B 229 -0.83 -3.75 -2.20
CA GLU B 229 -1.57 -3.45 -3.44
C GLU B 229 -0.67 -3.52 -4.66
N LEU B 230 0.60 -3.12 -4.51
CA LEU B 230 1.56 -3.10 -5.61
C LEU B 230 1.69 -4.44 -6.32
N THR B 231 1.51 -5.55 -5.60
CA THR B 231 1.67 -6.88 -6.20
C THR B 231 0.36 -7.68 -6.24
N TRP B 232 -0.78 -7.01 -6.11
CA TRP B 232 -2.07 -7.70 -6.28
C TRP B 232 -2.14 -8.52 -7.57
N PRO B 233 -1.75 -8.00 -8.74
CA PRO B 233 -1.86 -8.82 -9.96
C PRO B 233 -1.06 -10.12 -9.91
N ILE B 234 -0.21 -10.31 -8.92
CA ILE B 234 0.42 -11.62 -8.73
C ILE B 234 -0.27 -12.45 -7.64
N TYR B 235 -0.31 -11.94 -6.40
CA TYR B 235 -0.67 -12.74 -5.23
C TYR B 235 -2.16 -12.79 -4.88
N TRP B 236 -2.98 -11.90 -5.43
CA TRP B 236 -4.43 -11.98 -5.25
C TRP B 236 -5.06 -12.52 -6.52
N ASP B 237 -5.12 -11.66 -7.53
CA ASP B 237 -5.38 -12.04 -8.91
C ASP B 237 -4.07 -12.57 -9.49
N GLY B 238 -4.11 -13.28 -10.60
CA GLY B 238 -2.90 -13.87 -11.13
C GLY B 238 -2.51 -15.20 -10.47
N ALA B 239 -1.51 -15.85 -11.07
CA ALA B 239 -1.32 -17.29 -10.89
C ALA B 239 -1.07 -17.66 -9.43
N LEU B 240 -0.18 -16.93 -8.74
CA LEU B 240 0.09 -17.24 -7.35
C LEU B 240 -1.14 -17.03 -6.47
N GLY B 241 -2.07 -16.18 -6.91
CA GLY B 241 -3.28 -16.01 -6.13
C GLY B 241 -4.12 -17.27 -6.10
N GLN B 242 -4.11 -18.03 -7.20
CA GLN B 242 -4.82 -19.30 -7.25
C GLN B 242 -4.19 -20.33 -6.33
N ALA B 243 -2.86 -20.44 -6.36
CA ALA B 243 -2.19 -21.38 -5.49
C ALA B 243 -2.44 -21.05 -4.03
N LYS B 244 -2.53 -19.76 -3.71
CA LYS B 244 -2.89 -19.32 -2.36
C LYS B 244 -4.28 -19.80 -1.98
N MET B 245 -5.26 -19.59 -2.85
CA MET B 245 -6.62 -20.07 -2.56
C MET B 245 -6.63 -21.57 -2.34
N ASP B 246 -5.84 -22.31 -3.13
CA ASP B 246 -5.74 -23.76 -2.93
C ASP B 246 -5.07 -24.07 -1.60
N LEU B 247 -4.14 -23.22 -1.17
CA LEU B 247 -3.51 -23.45 0.12
C LEU B 247 -4.50 -23.24 1.26
N ASP B 248 -5.47 -22.33 1.08
CA ASP B 248 -6.54 -22.17 2.07
C ASP B 248 -7.40 -23.43 2.15
N ARG B 249 -7.83 -23.93 0.99
CA ARG B 249 -8.63 -25.15 0.95
C ARG B 249 -7.90 -26.32 1.59
N ALA B 250 -6.60 -26.46 1.34
CA ALA B 250 -5.82 -27.48 2.02
C ALA B 250 -5.82 -27.27 3.53
N ALA B 251 -5.68 -26.02 3.98
CA ALA B 251 -5.64 -25.74 5.41
C ALA B 251 -6.91 -26.23 6.12
N THR B 252 -8.07 -26.02 5.50
CA THR B 252 -9.32 -26.37 6.19
C THR B 252 -9.48 -27.89 6.28
N ALA B 253 -9.16 -28.60 5.20
CA ALA B 253 -9.21 -30.06 5.23
C ALA B 253 -8.30 -30.61 6.31
N LEU B 254 -7.06 -30.12 6.36
CA LEU B 254 -6.14 -30.59 7.37
C LEU B 254 -6.63 -30.23 8.76
N ASN B 255 -7.29 -29.09 8.90
CA ASN B 255 -7.77 -28.66 10.21
C ASN B 255 -8.85 -29.60 10.73
N GLU B 256 -9.79 -30.01 9.88
CA GLU B 256 -10.79 -30.99 10.31
C GLU B 256 -10.13 -32.30 10.69
N LYS B 257 -9.29 -32.84 9.81
CA LYS B 257 -8.62 -34.09 10.13
C LYS B 257 -7.89 -34.01 11.46
N LEU B 258 -7.18 -32.91 11.70
CA LEU B 258 -6.35 -32.84 12.90
C LEU B 258 -7.16 -32.48 14.14
N SER B 259 -8.19 -31.63 14.01
CA SER B 259 -9.00 -31.23 15.16
C SER B 259 -9.76 -32.39 15.78
N ALA B 260 -9.72 -33.58 15.16
CA ALA B 260 -10.13 -34.79 15.86
C ALA B 260 -9.35 -34.95 17.15
N THR B 261 -8.04 -35.16 17.04
CA THR B 261 -7.14 -35.39 18.16
C THR B 261 -6.73 -34.11 18.88
N GLY B 262 -7.41 -33.00 18.61
CA GLY B 262 -7.08 -31.72 19.22
C GLY B 262 -6.18 -30.80 18.41
N GLY B 263 -5.69 -31.23 17.25
CA GLY B 263 -4.68 -30.45 16.54
C GLY B 263 -5.27 -29.37 15.66
N THR B 264 -4.38 -28.55 15.09
CA THR B 264 -4.79 -27.47 14.19
C THR B 264 -3.95 -27.47 12.92
N ALA B 265 -4.50 -26.81 11.91
CA ALA B 265 -3.80 -26.52 10.66
C ALA B 265 -4.13 -25.09 10.27
N ASN B 266 -3.10 -24.27 10.05
CA ASN B 266 -3.33 -22.91 9.56
C ASN B 266 -2.29 -22.54 8.51
N VAL B 267 -2.77 -21.85 7.48
CA VAL B 267 -1.89 -21.00 6.70
C VAL B 267 -1.43 -19.86 7.58
N ALA B 268 -0.17 -19.45 7.43
CA ALA B 268 0.37 -18.34 8.21
C ALA B 268 0.98 -17.35 7.23
N VAL B 269 0.41 -16.16 7.18
CA VAL B 269 0.81 -15.15 6.21
C VAL B 269 1.93 -14.34 6.83
N LEU B 270 3.11 -14.39 6.23
CA LEU B 270 4.28 -13.70 6.76
C LEU B 270 4.52 -12.43 5.96
N LYS B 271 5.45 -11.62 6.46
CA LYS B 271 5.76 -10.32 5.91
C LYS B 271 6.79 -10.40 4.78
N SER B 272 6.96 -9.27 4.09
CA SER B 272 8.01 -9.16 3.08
C SER B 272 9.38 -9.26 3.74
N VAL B 273 10.24 -10.10 3.14
CA VAL B 273 11.61 -10.27 3.61
C VAL B 273 12.54 -10.42 2.42
N VAL B 274 13.82 -10.15 2.68
CA VAL B 274 14.86 -10.38 1.68
C VAL B 274 15.20 -11.86 1.68
N THR B 275 14.94 -12.54 0.54
CA THR B 275 15.33 -13.94 0.31
C THR B 275 16.03 -14.08 -1.03
N GLN B 276 16.44 -15.31 -1.37
CA GLN B 276 17.06 -15.52 -2.68
C GLN B 276 16.07 -15.41 -3.82
N ALA B 277 14.79 -15.53 -3.56
CA ALA B 277 13.80 -15.43 -4.62
C ALA B 277 13.10 -14.07 -4.71
N SER B 278 13.42 -13.10 -3.82
CA SER B 278 12.55 -11.91 -3.77
C SER B 278 12.77 -10.94 -4.93
N SER B 279 13.77 -11.13 -5.77
CA SER B 279 13.82 -10.36 -7.02
C SER B 279 12.96 -10.99 -8.13
N ALA B 280 12.27 -12.11 -7.85
CA ALA B 280 11.45 -12.79 -8.86
C ALA B 280 10.38 -11.88 -9.46
N ILE B 281 9.79 -11.02 -8.65
CA ILE B 281 8.85 -10.00 -9.11
C ILE B 281 9.60 -8.68 -9.22
N PRO B 282 9.57 -8.01 -10.38
CA PRO B 282 10.37 -6.78 -10.54
C PRO B 282 10.24 -5.77 -9.38
N VAL B 283 9.03 -5.53 -8.87
CA VAL B 283 8.80 -4.44 -7.90
C VAL B 283 9.33 -4.74 -6.49
N MET B 284 9.56 -6.02 -6.13
CA MET B 284 9.75 -6.35 -4.71
C MET B 284 10.99 -5.71 -4.10
N PRO B 285 12.18 -5.74 -4.71
CA PRO B 285 13.33 -5.07 -4.07
C PRO B 285 13.11 -3.59 -3.82
N LEU B 286 12.55 -2.86 -4.78
CA LEU B 286 12.29 -1.43 -4.57
C LEU B 286 11.28 -1.23 -3.45
N TYR B 287 10.15 -1.94 -3.51
CA TYR B 287 9.17 -1.86 -2.43
C TYR B 287 9.77 -2.27 -1.08
N ILE B 288 10.58 -3.33 -1.05
CA ILE B 288 11.15 -3.78 0.22
C ILE B 288 12.09 -2.73 0.79
N ALA B 289 12.91 -2.10 -0.04
CA ALA B 289 13.80 -1.08 0.48
C ALA B 289 13.00 0.10 1.04
N MET B 290 11.87 0.44 0.41
CA MET B 290 11.05 1.56 0.88
C MET B 290 10.36 1.21 2.20
N VAL B 291 9.67 0.06 2.26
CA VAL B 291 8.90 -0.25 3.46
C VAL B 291 9.83 -0.55 4.63
N PHE B 292 11.01 -1.13 4.37
CA PHE B 292 11.98 -1.36 5.44
C PHE B 292 12.40 -0.05 6.08
N LYS B 293 12.70 0.94 5.25
CA LYS B 293 13.14 2.24 5.76
C LYS B 293 12.11 2.85 6.69
N LYS B 294 10.86 2.93 6.24
CA LYS B 294 9.80 3.42 7.10
C LYS B 294 9.63 2.55 8.33
N MET B 295 9.60 1.23 8.15
CA MET B 295 9.35 0.35 9.28
C MET B 295 10.46 0.45 10.31
N ARG B 296 11.71 0.71 9.89
CA ARG B 296 12.77 0.93 10.87
C ARG B 296 12.57 2.25 11.60
N GLU B 297 12.12 3.30 10.89
CA GLU B 297 11.78 4.57 11.53
C GLU B 297 10.65 4.39 12.53
N GLU B 298 9.65 3.60 12.19
CA GLU B 298 8.53 3.40 13.10
C GLU B 298 8.80 2.35 14.18
N GLY B 299 9.99 1.74 14.19
CA GLY B 299 10.29 0.72 15.17
C GLY B 299 9.53 -0.60 15.05
N VAL B 300 8.96 -0.92 13.89
CA VAL B 300 8.23 -2.18 13.72
C VAL B 300 8.91 -3.12 12.71
N HIS B 301 10.22 -2.96 12.46
CA HIS B 301 10.89 -3.76 11.44
C HIS B 301 11.23 -5.16 11.95
N GLU B 302 11.08 -6.16 11.08
CA GLU B 302 11.39 -7.54 11.42
C GLU B 302 12.03 -8.28 10.26
N GLY B 303 12.97 -9.17 10.59
CA GLY B 303 13.42 -10.20 9.69
C GLY B 303 12.76 -11.54 10.02
N CYS B 304 13.32 -12.60 9.42
CA CYS B 304 12.66 -13.91 9.44
C CYS B 304 12.55 -14.47 10.86
N GLN B 305 13.62 -14.36 11.64
CA GLN B 305 13.64 -14.90 13.01
C GLN B 305 12.58 -14.24 13.87
N GLU B 306 12.59 -12.90 13.90
CA GLU B 306 11.60 -12.19 14.69
C GLU B 306 10.19 -12.54 14.25
N GLN B 307 9.99 -12.65 12.93
CA GLN B 307 8.69 -13.09 12.42
C GLN B 307 8.25 -14.40 13.06
N ILE B 308 9.15 -15.40 13.05
CA ILE B 308 8.75 -16.72 13.52
C ILE B 308 8.62 -16.72 15.04
N LEU B 309 9.54 -16.01 15.72
CA LEU B 309 9.42 -15.85 17.17
C LEU B 309 8.07 -15.28 17.56
N ARG B 310 7.56 -14.30 16.81
CA ARG B 310 6.26 -13.72 17.15
C ARG B 310 5.12 -14.66 16.81
N MET B 311 5.27 -15.44 15.74
CA MET B 311 4.29 -16.48 15.44
C MET B 311 4.23 -17.52 16.56
N PHE B 312 5.37 -17.86 17.17
CA PHE B 312 5.35 -18.88 18.22
C PHE B 312 4.76 -18.31 19.51
N SER B 313 5.31 -17.20 19.99
CA SER B 313 5.03 -16.69 21.33
C SER B 313 3.83 -15.76 21.40
N GLN B 314 3.25 -15.33 20.26
CA GLN B 314 2.11 -14.44 20.26
C GLN B 314 0.97 -14.88 19.35
N ARG B 315 1.08 -16.03 18.69
CA ARG B 315 -0.06 -16.62 18.00
C ARG B 315 -0.31 -18.05 18.48
N LEU B 316 0.62 -18.98 18.22
CA LEU B 316 0.36 -20.41 18.40
C LEU B 316 0.56 -20.92 19.83
N TYR B 317 1.47 -20.33 20.60
CA TYR B 317 1.84 -20.85 21.91
C TYR B 317 1.93 -19.72 22.93
N LYS B 318 0.86 -18.94 23.03
CA LYS B 318 0.87 -17.77 23.91
C LYS B 318 0.99 -18.19 25.38
N ALA B 319 1.64 -17.33 26.17
CA ALA B 319 1.70 -17.55 27.62
C ALA B 319 0.30 -17.62 28.24
N ASP B 320 -0.58 -16.67 27.88
CA ASP B 320 -1.90 -16.65 28.48
C ASP B 320 -2.76 -17.86 28.08
N GLY B 321 -2.36 -18.59 27.05
CA GLY B 321 -3.08 -19.78 26.64
C GLY B 321 -4.27 -19.56 25.73
N SER B 322 -4.55 -18.32 25.32
CA SER B 322 -5.72 -18.09 24.46
C SER B 322 -5.45 -18.55 23.03
N ALA B 323 -6.54 -18.61 22.26
CA ALA B 323 -6.46 -19.00 20.86
C ALA B 323 -5.76 -17.91 20.04
N ALA B 324 -5.15 -18.34 18.94
CA ALA B 324 -4.43 -17.42 18.07
C ALA B 324 -5.41 -16.50 17.33
N GLU B 325 -5.08 -15.21 17.28
CA GLU B 325 -5.83 -14.29 16.41
C GLU B 325 -5.69 -14.76 14.96
N VAL B 326 -6.79 -14.85 14.24
CA VAL B 326 -6.77 -15.24 12.84
C VAL B 326 -7.60 -14.25 12.05
N ASP B 327 -7.44 -14.31 10.73
CA ASP B 327 -8.18 -13.42 9.85
C ASP B 327 -9.50 -14.10 9.49
N GLU B 328 -10.23 -13.52 8.52
CA GLU B 328 -11.54 -14.01 8.12
C GLU B 328 -11.49 -15.41 7.53
N LYS B 329 -10.32 -15.93 7.15
CA LYS B 329 -10.20 -17.26 6.56
C LYS B 329 -9.32 -18.18 7.40
N ASN B 330 -9.19 -17.88 8.70
CA ASN B 330 -8.50 -18.71 9.68
C ASN B 330 -6.99 -18.77 9.48
N ARG B 331 -6.40 -17.64 9.09
CA ARG B 331 -4.97 -17.53 8.82
C ARG B 331 -4.28 -16.76 9.93
N LEU B 332 -3.09 -17.22 10.30
CA LEU B 332 -2.22 -16.43 11.16
C LEU B 332 -1.67 -15.27 10.34
N ARG B 333 -1.72 -14.06 10.88
CA ARG B 333 -1.34 -12.89 10.12
C ARG B 333 -0.15 -12.23 10.82
N LEU B 334 1.06 -12.48 10.31
CA LEU B 334 2.24 -11.81 10.84
C LEU B 334 2.65 -10.64 9.98
N ASP B 335 1.93 -10.38 8.90
CA ASP B 335 2.15 -9.20 8.08
C ASP B 335 1.31 -8.00 8.54
N ASP B 336 0.83 -8.05 9.79
CA ASP B 336 -0.04 -7.01 10.34
C ASP B 336 0.71 -5.71 10.57
N TRP B 337 1.96 -5.78 11.05
CA TRP B 337 2.72 -4.55 11.20
C TRP B 337 3.04 -3.93 9.84
N GLU B 338 3.44 -4.75 8.87
CA GLU B 338 3.73 -4.21 7.55
C GLU B 338 2.50 -3.61 6.90
N LEU B 339 1.34 -4.26 7.04
CA LEU B 339 0.13 -3.78 6.41
C LEU B 339 -0.67 -2.81 7.29
N ARG B 340 -0.05 -2.25 8.34
CA ARG B 340 -0.66 -1.12 9.03
C ARG B 340 -0.89 0.04 8.07
N GLU B 341 -1.92 0.84 8.36
CA GLU B 341 -2.32 1.91 7.46
C GLU B 341 -1.26 3.00 7.36
N ASP B 342 -0.63 3.37 8.48
CA ASP B 342 0.33 4.45 8.38
C ASP B 342 1.60 4.00 7.63
N ILE B 343 1.99 2.72 7.72
CA ILE B 343 3.13 2.21 6.96
C ILE B 343 2.79 2.20 5.47
N GLN B 344 1.65 1.63 5.11
CA GLN B 344 1.30 1.54 3.69
C GLN B 344 0.94 2.89 3.09
N GLN B 345 0.44 3.83 3.90
CA GLN B 345 0.14 5.14 3.35
C GLN B 345 1.42 5.88 3.02
N HIS B 346 2.44 5.72 3.87
CA HIS B 346 3.77 6.24 3.57
C HIS B 346 4.25 5.78 2.19
N CYS B 347 4.08 4.49 1.89
CA CYS B 347 4.59 3.98 0.62
C CYS B 347 3.76 4.48 -0.55
N ARG B 348 2.44 4.54 -0.39
CA ARG B 348 1.59 5.09 -1.45
C ARG B 348 1.97 6.53 -1.76
N ASP B 349 2.15 7.35 -0.72
CA ASP B 349 2.42 8.77 -0.92
C ASP B 349 3.72 8.99 -1.70
N LEU B 350 4.76 8.19 -1.38
CA LEU B 350 6.09 8.32 -1.99
C LEU B 350 6.18 7.67 -3.35
N TRP B 351 5.39 6.62 -3.58
CA TRP B 351 5.54 5.79 -4.77
C TRP B 351 5.61 6.57 -6.08
N PRO B 352 4.67 7.46 -6.41
CA PRO B 352 4.78 8.19 -7.68
C PRO B 352 5.98 9.14 -7.73
N GLN B 353 6.72 9.27 -6.64
CA GLN B 353 7.78 10.26 -6.55
C GLN B 353 9.17 9.67 -6.66
N VAL B 354 9.30 8.36 -6.70
CA VAL B 354 10.65 7.80 -6.60
C VAL B 354 11.30 7.86 -7.97
N THR B 355 12.55 8.33 -7.99
CA THR B 355 13.35 8.47 -9.20
C THR B 355 14.67 7.74 -8.98
N THR B 356 15.41 7.60 -10.08
CA THR B 356 16.77 7.08 -9.99
C THR B 356 17.61 7.93 -9.07
N GLU B 357 17.38 9.23 -9.07
CA GLU B 357 18.24 10.15 -8.33
C GLU B 357 17.89 10.22 -6.85
N ASN B 358 16.61 10.05 -6.46
CA ASN B 358 16.26 10.13 -5.05
C ASN B 358 16.09 8.76 -4.40
N LEU B 359 16.31 7.69 -5.15
CA LEU B 359 16.16 6.33 -4.60
C LEU B 359 16.96 6.16 -3.32
N LYS B 360 18.19 6.71 -3.30
CA LYS B 360 19.03 6.70 -2.11
C LYS B 360 18.35 7.38 -0.93
N ASP B 361 17.48 8.35 -1.18
CA ASP B 361 16.87 9.17 -0.12
C ASP B 361 15.54 8.62 0.40
N LEU B 362 14.74 7.95 -0.43
CA LEU B 362 13.41 7.51 -0.01
C LEU B 362 13.33 6.04 0.34
N THR B 363 14.37 5.26 0.05
CA THR B 363 14.40 3.83 0.31
C THR B 363 15.74 3.47 0.96
N ASP B 364 15.80 2.30 1.60
CA ASP B 364 17.07 1.78 2.12
C ASP B 364 17.62 0.72 1.17
N TYR B 365 17.96 1.18 -0.04
CA TYR B 365 18.31 0.27 -1.10
C TYR B 365 19.72 -0.28 -0.94
N VAL B 366 20.64 0.58 -0.50
CA VAL B 366 21.99 0.14 -0.13
C VAL B 366 21.91 -1.02 0.85
N GLU B 367 21.07 -0.85 1.87
CA GLU B 367 20.90 -1.89 2.87
C GLU B 367 20.28 -3.14 2.27
N TYR B 368 19.33 -2.99 1.35
CA TYR B 368 18.75 -4.16 0.68
C TYR B 368 19.84 -4.99 0.05
N LYS B 369 20.71 -4.34 -0.74
CA LYS B 369 21.75 -5.06 -1.43
C LYS B 369 22.73 -5.71 -0.46
N GLU B 370 23.04 -5.02 0.64
CA GLU B 370 23.88 -5.62 1.68
C GLU B 370 23.19 -6.83 2.29
N GLU B 371 21.89 -6.72 2.56
CA GLU B 371 21.21 -7.83 3.20
C GLU B 371 21.15 -9.03 2.27
N PHE B 372 20.97 -8.78 0.97
CA PHE B 372 20.92 -9.87 0.01
C PHE B 372 22.25 -10.63 -0.03
N LEU B 373 23.36 -9.89 -0.10
CA LEU B 373 24.69 -10.48 -0.04
C LEU B 373 24.87 -11.32 1.22
N LYS B 374 24.28 -10.85 2.33
CA LYS B 374 24.40 -11.56 3.59
C LYS B 374 23.75 -12.94 3.55
N LEU B 375 22.75 -13.13 2.69
CA LEU B 375 22.12 -14.44 2.58
C LEU B 375 23.12 -15.50 2.19
N PHE B 376 24.19 -15.11 1.49
CA PHE B 376 25.22 -16.02 1.02
C PHE B 376 26.44 -16.05 1.94
N GLY B 377 26.39 -15.35 3.07
CA GLY B 377 27.49 -15.34 4.00
C GLY B 377 28.54 -14.27 3.76
N PHE B 378 28.26 -13.26 2.94
CA PHE B 378 29.19 -12.17 2.71
C PHE B 378 28.76 -10.92 3.48
N GLY B 379 29.76 -10.13 3.91
CA GLY B 379 29.54 -8.88 4.59
C GLY B 379 29.20 -9.00 6.06
N VAL B 380 29.35 -10.20 6.65
CA VAL B 380 28.97 -10.42 8.03
C VAL B 380 30.07 -9.90 8.96
N ASP B 381 29.66 -9.29 10.05
CA ASP B 381 30.60 -8.86 11.07
C ASP B 381 31.27 -10.07 11.72
N GLY B 382 32.56 -9.91 12.03
CA GLY B 382 33.32 -10.97 12.67
C GLY B 382 33.74 -12.08 11.75
N VAL B 383 33.80 -11.81 10.44
CA VAL B 383 34.25 -12.78 9.46
C VAL B 383 35.37 -12.12 8.66
N ASP B 384 36.52 -12.79 8.59
CA ASP B 384 37.67 -12.31 7.85
C ASP B 384 37.63 -12.95 6.48
N TYR B 385 37.26 -12.17 5.46
CA TYR B 385 37.04 -12.69 4.13
C TYR B 385 38.33 -12.86 3.34
N ASP B 386 39.47 -12.57 3.96
CA ASP B 386 40.77 -12.90 3.40
C ASP B 386 41.27 -14.25 3.86
N ALA B 387 40.63 -14.82 4.88
CA ALA B 387 41.05 -16.08 5.44
C ALA B 387 40.68 -17.24 4.53
N ASP B 388 41.57 -18.22 4.46
CA ASP B 388 41.29 -19.46 3.77
C ASP B 388 40.20 -20.22 4.54
N VAL B 389 39.35 -20.92 3.80
CA VAL B 389 38.31 -21.73 4.41
C VAL B 389 38.19 -23.05 3.67
N ASN B 390 37.70 -24.06 4.36
CA ASN B 390 37.52 -25.38 3.79
C ASN B 390 36.04 -25.55 3.47
N PRO B 391 35.61 -25.40 2.21
CA PRO B 391 34.18 -25.48 1.91
C PRO B 391 33.58 -26.83 2.23
N GLU B 392 34.39 -27.81 2.62
CA GLU B 392 33.83 -29.07 3.05
C GLU B 392 33.41 -28.93 4.52
N VAL B 393 32.10 -29.10 4.76
CA VAL B 393 31.47 -29.00 6.07
C VAL B 393 30.45 -30.13 6.17
N ASN B 394 30.72 -31.11 7.05
CA ASN B 394 29.83 -32.25 7.26
C ASN B 394 28.93 -32.04 8.48
N PHE B 395 27.79 -32.70 8.46
CA PHE B 395 26.92 -32.68 9.64
C PHE B 395 26.00 -33.89 9.59
N ASP B 396 25.13 -33.98 10.58
CA ASP B 396 24.29 -35.17 10.78
C ASP B 396 23.09 -35.13 9.84
N VAL B 397 23.40 -35.29 8.55
CA VAL B 397 22.38 -35.32 7.51
C VAL B 397 22.53 -36.63 6.76
N ALA B 398 21.41 -37.21 6.37
CA ALA B 398 21.37 -38.38 5.52
C ALA B 398 20.62 -38.03 4.24
N ASP B 399 21.14 -38.49 3.10
CA ASP B 399 20.41 -38.32 1.84
C ASP B 399 19.15 -39.14 1.88
N ILE B 400 18.21 -38.75 1.03
CA ILE B 400 16.90 -39.37 1.00
C ILE B 400 16.91 -40.55 0.04
#